data_6LIG
#
_entry.id   6LIG
#
_cell.length_a   64.870
_cell.length_b   90.420
_cell.length_c   74.050
_cell.angle_alpha   90.000
_cell.angle_beta   91.870
_cell.angle_gamma   90.000
#
_symmetry.space_group_name_H-M   'P 1 21 1'
#
loop_
_entity.id
_entity.type
_entity.pdbx_description
1 polymer 'Glutamate oxaloacetate transaminase 1'
2 non-polymer 3-[3-(3-methylbut-2-enyl)-4-oxidanyl-phenyl]-5-[[3-(3-methylbut-2-enyl)-4-oxidanyl-phenyl]methylidene]-4-oxidanyl-furan-2-one
3 non-polymer "PYRIDOXAL-5'-PHOSPHATE"
4 water water
#
_entity_poly.entity_id   1
_entity_poly.type   'polypeptide(L)'
_entity_poly.pdbx_seq_one_letter_code
;PPSVFAEVPQAQPVLVFKLTADFREDPDPRKVNLGVGAYRTDDCHPWVLPVVKKVEQKIANDNSLNHEYLPILGLAEFRS
CASRLALGDDSPALKEKRVGGVQSLGGTGALRIGADFLARWYNGTNNKNTPVYVSSPTWENHNAVFSAAGFKDIRSYRYW
DAEKRGLDLQGFLNDLENAPEFSIVVLHACAHNPTGIDPTPEQWKQIASVMKHRFLFPFFDSAYQGFASGNLERDAWAIR
YFVSEGFEFFCAQSFSKNFGLYNERVGNLTVVGKEPESILQVLSQMEKIVRITWSNPPAQGARIVASTLSNPELFEEWTG
NVKTMADRILTMRSELRARLEALKTPGTWNHITDQIGMFSFTGLNPKQVEYLVNEKHIYLLPSGRINVSGLTTKNLDYVA
TSIHEAVTKIQ
;
_entity_poly.pdbx_strand_id   A,B
#
loop_
_chem_comp.id
_chem_comp.type
_chem_comp.name
_chem_comp.formula
EE6 non-polymer 3-[3-(3-methylbut-2-enyl)-4-oxidanyl-phenyl]-5-[[3-(3-methylbut-2-enyl)-4-oxidanyl-phenyl]methylidene]-4-oxidanyl-furan-2-one 'C27 H28 O5'
PLP non-polymer PYRIDOXAL-5'-PHOSPHATE 'C8 H10 N O6 P'
#
# COMPACT_ATOMS: atom_id res chain seq x y z
N PRO A 1 30.18 -8.87 19.92
CA PRO A 1 29.29 -7.85 19.36
C PRO A 1 28.33 -8.41 18.32
N PRO A 2 27.30 -9.12 18.76
CA PRO A 2 26.37 -9.75 17.83
C PRO A 2 25.41 -8.73 17.20
N SER A 3 24.62 -9.24 16.26
CA SER A 3 23.67 -8.42 15.52
C SER A 3 22.31 -8.40 16.20
N VAL A 4 21.56 -7.32 15.98
CA VAL A 4 20.20 -7.26 16.49
C VAL A 4 19.27 -8.18 15.70
N PHE A 5 19.65 -8.56 14.48
CA PHE A 5 18.90 -9.51 13.68
C PHE A 5 19.51 -10.91 13.74
N ALA A 6 20.29 -11.21 14.78
CA ALA A 6 21.02 -12.47 14.82
C ALA A 6 20.10 -13.66 15.05
N GLU A 7 19.02 -13.47 15.80
CA GLU A 7 18.09 -14.55 16.13
C GLU A 7 16.82 -14.51 15.29
N VAL A 8 16.84 -13.78 14.18
CA VAL A 8 15.67 -13.72 13.29
C VAL A 8 15.71 -14.91 12.34
N PRO A 9 14.71 -15.79 12.37
CA PRO A 9 14.78 -17.00 11.55
C PRO A 9 14.55 -16.71 10.07
N GLN A 10 15.24 -17.48 9.24
CA GLN A 10 15.10 -17.38 7.79
C GLN A 10 13.76 -17.98 7.38
N ALA A 11 12.84 -17.13 6.94
CA ALA A 11 11.51 -17.59 6.57
C ALA A 11 11.58 -18.41 5.30
N GLN A 12 10.92 -19.51 5.31
CA GLN A 12 10.83 -20.43 4.20
C GLN A 12 9.88 -19.89 3.14
N PRO A 13 10.06 -20.28 1.88
CA PRO A 13 9.14 -19.85 0.83
C PRO A 13 7.78 -20.53 0.96
N VAL A 14 6.75 -19.87 0.41
CA VAL A 14 5.42 -20.47 0.40
C VAL A 14 5.38 -21.67 -0.55
N LEU A 15 4.35 -22.50 -0.39
CA LEU A 15 4.25 -23.72 -1.19
C LEU A 15 4.08 -23.39 -2.67
N VAL A 16 3.34 -22.32 -2.99
CA VAL A 16 3.13 -21.96 -4.39
C VAL A 16 4.42 -21.42 -5.00
N PHE A 17 5.26 -20.75 -4.21
CA PHE A 17 6.53 -20.25 -4.74
C PHE A 17 7.50 -21.39 -4.98
N LYS A 18 7.49 -22.40 -4.10
CA LYS A 18 8.36 -23.56 -4.31
C LYS A 18 7.91 -24.39 -5.50
N LEU A 19 6.61 -24.41 -5.80
CA LEU A 19 6.12 -25.21 -6.92
C LEU A 19 6.59 -24.62 -8.24
N THR A 20 6.46 -23.30 -8.41
CA THR A 20 6.96 -22.67 -9.63
C THR A 20 8.48 -22.74 -9.71
N ALA A 21 9.17 -22.60 -8.57
CA ALA A 21 10.62 -22.70 -8.57
C ALA A 21 11.08 -24.09 -8.97
N ASP A 22 10.43 -25.14 -8.46
CA ASP A 22 10.78 -26.49 -8.87
C ASP A 22 10.41 -26.76 -10.32
N PHE A 23 9.40 -26.05 -10.85
CA PHE A 23 8.95 -26.28 -12.21
C PHE A 23 9.99 -25.83 -13.23
N ARG A 24 10.43 -24.57 -13.15
CA ARG A 24 11.37 -24.05 -14.13
C ARG A 24 12.76 -24.66 -14.00
N GLU A 25 13.04 -25.40 -12.93
CA GLU A 25 14.28 -26.16 -12.82
C GLU A 25 14.13 -27.59 -13.33
N ASP A 26 12.91 -28.06 -13.53
CA ASP A 26 12.69 -29.41 -14.03
C ASP A 26 13.16 -29.51 -15.48
N PRO A 27 13.99 -30.50 -15.82
CA PRO A 27 14.49 -30.61 -17.20
C PRO A 27 13.59 -31.36 -18.16
N ASP A 28 12.53 -31.99 -17.68
CA ASP A 28 11.66 -32.77 -18.56
C ASP A 28 10.91 -31.83 -19.50
N PRO A 29 10.96 -32.06 -20.82
CA PRO A 29 10.30 -31.16 -21.77
C PRO A 29 8.78 -31.27 -21.79
N ARG A 30 8.20 -32.19 -21.03
CA ARG A 30 6.75 -32.32 -20.95
C ARG A 30 6.14 -31.52 -19.81
N LYS A 31 6.95 -30.76 -19.07
CA LYS A 31 6.49 -30.14 -17.84
C LYS A 31 5.40 -29.11 -18.12
N VAL A 32 4.35 -29.15 -17.29
CA VAL A 32 3.22 -28.24 -17.39
C VAL A 32 3.03 -27.59 -16.03
N ASN A 33 3.04 -26.26 -15.99
CA ASN A 33 2.87 -25.50 -14.76
C ASN A 33 1.40 -25.12 -14.63
N LEU A 34 0.71 -25.75 -13.67
CA LEU A 34 -0.68 -25.44 -13.38
C LEU A 34 -0.83 -24.69 -12.07
N GLY A 35 0.22 -24.02 -11.61
CA GLY A 35 0.18 -23.31 -10.34
C GLY A 35 0.50 -21.83 -10.45
N VAL A 36 0.45 -21.28 -11.66
CA VAL A 36 0.65 -19.85 -11.84
C VAL A 36 -0.54 -19.10 -11.26
N GLY A 37 -0.26 -17.99 -10.58
CA GLY A 37 -1.30 -17.25 -9.90
C GLY A 37 -1.94 -16.14 -10.70
N ALA A 38 -1.86 -16.24 -12.04
CA ALA A 38 -2.42 -15.21 -12.89
C ALA A 38 -2.87 -15.84 -14.20
N TYR A 39 -3.62 -15.06 -14.97
CA TYR A 39 -4.11 -15.53 -16.26
C TYR A 39 -2.96 -15.68 -17.25
N ARG A 40 -2.99 -16.78 -18.01
CA ARG A 40 -2.01 -17.05 -19.04
C ARG A 40 -2.73 -17.43 -20.33
N THR A 41 -2.12 -17.07 -21.46
CA THR A 41 -2.72 -17.33 -22.76
C THR A 41 -2.46 -18.77 -23.19
N ASP A 42 -2.98 -19.12 -24.36
CA ASP A 42 -2.73 -20.43 -24.94
C ASP A 42 -1.26 -20.64 -25.27
N ASP A 43 -0.47 -19.56 -25.32
CA ASP A 43 0.94 -19.62 -25.62
C ASP A 43 1.82 -19.50 -24.37
N CYS A 44 1.24 -19.75 -23.18
CA CYS A 44 1.95 -19.66 -21.90
C CYS A 44 2.63 -18.29 -21.73
N HIS A 45 1.92 -17.23 -22.11
CA HIS A 45 2.41 -15.87 -21.95
C HIS A 45 1.43 -15.04 -21.14
N PRO A 46 1.91 -14.04 -20.40
CA PRO A 46 1.00 -13.05 -19.82
C PRO A 46 0.32 -12.23 -20.91
N TRP A 47 -0.81 -11.63 -20.56
CA TRP A 47 -1.64 -10.93 -21.54
C TRP A 47 -2.00 -9.55 -20.99
N VAL A 48 -1.42 -8.51 -21.60
CA VAL A 48 -1.83 -7.14 -21.33
C VAL A 48 -3.10 -6.87 -22.13
N LEU A 49 -4.17 -6.49 -21.44
CA LEU A 49 -5.45 -6.26 -22.10
C LEU A 49 -5.31 -5.13 -23.12
N PRO A 50 -5.84 -5.29 -24.33
CA PRO A 50 -5.67 -4.22 -25.35
C PRO A 50 -6.26 -2.89 -24.93
N VAL A 51 -7.32 -2.89 -24.12
CA VAL A 51 -7.87 -1.61 -23.66
C VAL A 51 -6.94 -0.95 -22.66
N VAL A 52 -6.15 -1.75 -21.93
CA VAL A 52 -5.22 -1.19 -20.96
C VAL A 52 -4.07 -0.47 -21.69
N LYS A 53 -3.58 -1.07 -22.78
CA LYS A 53 -2.54 -0.41 -23.57
C LYS A 53 -3.04 0.90 -24.14
N LYS A 54 -4.32 0.96 -24.52
CA LYS A 54 -4.87 2.20 -25.09
C LYS A 54 -5.07 3.25 -24.02
N VAL A 55 -5.58 2.86 -22.85
CA VAL A 55 -5.77 3.83 -21.76
C VAL A 55 -4.43 4.32 -21.24
N GLU A 56 -3.42 3.44 -21.20
CA GLU A 56 -2.09 3.87 -20.81
C GLU A 56 -1.55 4.93 -21.77
N GLN A 57 -1.89 4.85 -23.05
CA GLN A 57 -1.48 5.87 -24.01
C GLN A 57 -2.21 7.17 -23.76
N LYS A 58 -3.53 7.10 -23.53
CA LYS A 58 -4.31 8.31 -23.30
C LYS A 58 -3.83 9.06 -22.06
N ILE A 59 -3.49 8.32 -21.00
CA ILE A 59 -3.01 8.94 -19.77
C ILE A 59 -1.65 9.59 -20.01
N ALA A 60 -0.78 8.94 -20.80
CA ALA A 60 0.52 9.53 -21.08
C ALA A 60 0.41 10.78 -21.94
N ASN A 61 -0.60 10.84 -22.80
CA ASN A 61 -0.83 12.01 -23.65
C ASN A 61 -1.70 13.06 -22.98
N ASP A 62 -1.92 12.96 -21.67
CA ASP A 62 -2.74 13.91 -20.93
C ASP A 62 -1.81 14.75 -20.06
N ASN A 63 -1.38 15.89 -20.62
CA ASN A 63 -0.49 16.80 -19.90
C ASN A 63 -1.18 17.47 -18.72
N SER A 64 -2.49 17.32 -18.57
CA SER A 64 -3.20 17.95 -17.47
C SER A 64 -2.97 17.24 -16.14
N LEU A 65 -2.70 15.93 -16.17
CA LEU A 65 -2.55 15.18 -14.95
C LEU A 65 -1.24 15.53 -14.26
N ASN A 66 -1.32 15.89 -12.99
CA ASN A 66 -0.15 16.11 -12.16
C ASN A 66 0.16 14.85 -11.36
N HIS A 67 1.05 14.97 -10.37
CA HIS A 67 1.41 13.85 -9.51
C HIS A 67 1.18 14.17 -8.04
N GLU A 68 0.28 15.09 -7.73
CA GLU A 68 0.04 15.47 -6.35
C GLU A 68 -0.75 14.39 -5.62
N TYR A 69 -0.69 14.44 -4.29
CA TYR A 69 -1.34 13.45 -3.44
C TYR A 69 -2.82 13.32 -3.78
N LEU A 70 -3.24 12.10 -4.09
CA LEU A 70 -4.66 11.81 -4.15
C LEU A 70 -5.26 11.93 -2.74
N PRO A 71 -6.58 12.08 -2.65
CA PRO A 71 -7.21 12.02 -1.32
C PRO A 71 -6.87 10.73 -0.58
N ILE A 72 -6.98 10.75 0.75
CA ILE A 72 -6.62 9.57 1.55
C ILE A 72 -7.44 8.36 1.10
N LEU A 73 -8.70 8.59 0.75
CA LEU A 73 -9.57 7.50 0.30
C LEU A 73 -9.31 7.11 -1.14
N GLY A 74 -8.74 7.98 -1.96
CA GLY A 74 -8.37 7.66 -3.32
C GLY A 74 -9.04 8.54 -4.34
N LEU A 75 -8.83 8.20 -5.61
CA LEU A 75 -9.43 8.94 -6.72
C LEU A 75 -10.94 8.79 -6.68
N ALA A 76 -11.65 9.91 -6.61
CA ALA A 76 -13.10 9.87 -6.43
C ALA A 76 -13.78 9.20 -7.63
N GLU A 77 -13.28 9.45 -8.84
CA GLU A 77 -13.89 8.84 -10.02
CA GLU A 77 -13.90 8.84 -10.02
C GLU A 77 -13.71 7.32 -10.03
N PHE A 78 -12.58 6.83 -9.51
CA PHE A 78 -12.37 5.39 -9.45
C PHE A 78 -13.27 4.75 -8.40
N ARG A 79 -13.34 5.34 -7.21
CA ARG A 79 -14.24 4.84 -6.19
C ARG A 79 -15.69 4.93 -6.63
N SER A 80 -16.01 5.90 -7.49
CA SER A 80 -17.37 6.01 -8.01
C SER A 80 -17.72 4.79 -8.86
N CYS A 81 -16.89 4.47 -9.84
CA CYS A 81 -17.22 3.42 -10.79
C CYS A 81 -16.92 2.03 -10.25
N ALA A 82 -15.95 1.91 -9.34
CA ALA A 82 -15.64 0.60 -8.76
C ALA A 82 -16.83 0.08 -7.97
N SER A 83 -17.37 0.89 -7.05
CA SER A 83 -18.54 0.49 -6.30
C SER A 83 -19.76 0.37 -7.21
N ARG A 84 -19.87 1.25 -8.21
CA ARG A 84 -20.98 1.17 -9.15
C ARG A 84 -20.91 -0.10 -9.99
N LEU A 85 -19.71 -0.59 -10.26
CA LEU A 85 -19.56 -1.84 -11.01
C LEU A 85 -20.04 -3.04 -10.19
N ALA A 86 -19.90 -2.98 -8.87
CA ALA A 86 -20.26 -4.09 -8.00
C ALA A 86 -21.73 -4.08 -7.61
N LEU A 87 -22.30 -2.90 -7.35
CA LEU A 87 -23.67 -2.81 -6.85
C LEU A 87 -24.70 -2.56 -7.94
N GLY A 88 -24.29 -2.15 -9.13
CA GLY A 88 -25.23 -1.86 -10.20
C GLY A 88 -25.53 -0.38 -10.30
N ASP A 89 -25.80 0.07 -11.53
CA ASP A 89 -26.05 1.49 -11.78
C ASP A 89 -27.28 1.98 -11.02
N ASP A 90 -28.39 1.25 -11.13
CA ASP A 90 -29.64 1.63 -10.50
C ASP A 90 -29.80 1.00 -9.11
N SER A 91 -28.70 0.80 -8.40
CA SER A 91 -28.78 0.22 -7.06
C SER A 91 -29.50 1.18 -6.11
N PRO A 92 -30.43 0.68 -5.30
CA PRO A 92 -31.09 1.57 -4.32
C PRO A 92 -30.12 2.13 -3.30
N ALA A 93 -29.14 1.34 -2.87
CA ALA A 93 -28.17 1.82 -1.88
C ALA A 93 -27.36 2.99 -2.40
N LEU A 94 -27.17 3.10 -3.72
CA LEU A 94 -26.41 4.21 -4.27
C LEU A 94 -27.28 5.45 -4.40
N LYS A 95 -28.50 5.30 -4.93
CA LYS A 95 -29.39 6.46 -5.02
C LYS A 95 -29.81 6.96 -3.65
N GLU A 96 -29.82 6.08 -2.66
CA GLU A 96 -30.02 6.50 -1.27
C GLU A 96 -28.73 6.95 -0.61
N LYS A 97 -27.60 6.86 -1.31
CA LYS A 97 -26.34 7.47 -0.90
C LYS A 97 -25.85 6.89 0.44
N ARG A 98 -25.95 5.58 0.58
CA ARG A 98 -25.47 4.88 1.76
C ARG A 98 -24.34 3.92 1.40
N VAL A 99 -23.47 4.34 0.48
CA VAL A 99 -22.38 3.52 -0.03
C VAL A 99 -21.09 4.31 0.07
N GLY A 100 -20.04 3.68 0.60
CA GLY A 100 -18.73 4.29 0.65
C GLY A 100 -17.70 3.48 -0.12
N GLY A 101 -16.59 4.11 -0.49
CA GLY A 101 -15.55 3.42 -1.24
C GLY A 101 -14.15 3.89 -0.90
N VAL A 102 -13.28 2.94 -0.54
CA VAL A 102 -11.89 3.23 -0.20
C VAL A 102 -11.00 2.57 -1.24
N GLN A 103 -10.26 3.38 -2.00
CA GLN A 103 -9.27 2.84 -2.91
C GLN A 103 -8.17 2.16 -2.11
N SER A 104 -7.86 0.92 -2.48
CA SER A 104 -6.92 0.10 -1.72
C SER A 104 -5.88 -0.50 -2.65
N LEU A 105 -4.86 -1.10 -2.04
CA LEU A 105 -3.77 -1.74 -2.78
C LEU A 105 -4.23 -3.15 -3.13
N GLY A 106 -5.02 -3.24 -4.20
CA GLY A 106 -5.63 -4.50 -4.58
C GLY A 106 -6.68 -4.92 -3.57
N GLY A 107 -7.24 -6.11 -3.80
CA GLY A 107 -8.20 -6.65 -2.86
C GLY A 107 -7.57 -7.00 -1.52
N THR A 108 -6.29 -7.38 -1.52
CA THR A 108 -5.59 -7.64 -0.28
C THR A 108 -5.56 -6.41 0.61
N GLY A 109 -5.32 -5.24 0.01
CA GLY A 109 -5.37 -4.00 0.78
C GLY A 109 -6.78 -3.68 1.26
N ALA A 110 -7.79 -3.98 0.44
CA ALA A 110 -9.17 -3.73 0.85
C ALA A 110 -9.56 -4.65 2.01
N LEU A 111 -9.10 -5.90 1.98
CA LEU A 111 -9.34 -6.80 3.10
C LEU A 111 -8.64 -6.29 4.36
N ARG A 112 -7.40 -5.82 4.21
CA ARG A 112 -6.64 -5.35 5.37
C ARG A 112 -7.29 -4.12 5.99
N ILE A 113 -7.67 -3.14 5.16
CA ILE A 113 -8.29 -1.92 5.68
C ILE A 113 -9.62 -2.25 6.33
N GLY A 114 -10.40 -3.15 5.72
CA GLY A 114 -11.66 -3.54 6.30
C GLY A 114 -11.49 -4.32 7.60
N ALA A 115 -10.50 -5.23 7.63
CA ALA A 115 -10.25 -6.00 8.85
C ALA A 115 -9.76 -5.10 9.98
N ASP A 116 -8.88 -4.14 9.66
CA ASP A 116 -8.41 -3.19 10.67
C ASP A 116 -9.57 -2.40 11.26
N PHE A 117 -10.54 -2.03 10.42
CA PHE A 117 -11.70 -1.27 10.91
C PHE A 117 -12.57 -2.13 11.82
N LEU A 118 -12.91 -3.34 11.38
CA LEU A 118 -13.76 -4.21 12.18
C LEU A 118 -13.09 -4.56 13.51
N ALA A 119 -11.77 -4.65 13.53
CA ALA A 119 -11.06 -4.93 14.77
C ALA A 119 -11.05 -3.73 15.71
N ARG A 120 -11.55 -2.58 15.29
CA ARG A 120 -11.52 -1.37 16.09
C ARG A 120 -12.91 -0.81 16.38
N TRP A 121 -13.86 -0.92 15.44
CA TRP A 121 -15.15 -0.28 15.58
C TRP A 121 -16.35 -1.22 15.46
N TYR A 122 -16.14 -2.49 15.13
CA TYR A 122 -17.25 -3.42 14.93
C TYR A 122 -17.47 -4.27 16.17
N ASN A 123 -18.75 -4.44 16.53
CA ASN A 123 -19.15 -5.28 17.67
C ASN A 123 -18.44 -4.83 18.95
N GLY A 124 -18.48 -3.54 19.20
CA GLY A 124 -17.74 -2.93 20.28
C GLY A 124 -16.42 -2.34 19.80
N THR A 125 -15.78 -1.60 20.70
CA THR A 125 -14.52 -0.95 20.40
C THR A 125 -13.36 -1.90 20.69
N ASN A 126 -12.46 -2.03 19.73
CA ASN A 126 -11.25 -2.86 19.86
C ASN A 126 -11.59 -4.32 20.19
N ASN A 127 -12.73 -4.81 19.69
CA ASN A 127 -13.14 -6.18 19.93
C ASN A 127 -12.34 -7.09 19.00
N LYS A 128 -11.23 -7.61 19.51
CA LYS A 128 -10.41 -8.57 18.78
C LYS A 128 -10.94 -9.99 18.92
N ASN A 129 -12.09 -10.19 19.55
CA ASN A 129 -12.59 -11.51 19.86
C ASN A 129 -13.81 -11.91 19.03
N THR A 130 -14.31 -11.04 18.18
CA THR A 130 -15.41 -11.39 17.29
C THR A 130 -14.95 -12.51 16.34
N PRO A 131 -15.60 -13.67 16.36
CA PRO A 131 -15.14 -14.77 15.49
C PRO A 131 -15.24 -14.40 14.02
N VAL A 132 -14.20 -14.77 13.27
CA VAL A 132 -14.15 -14.55 11.83
C VAL A 132 -14.24 -15.90 11.14
N TYR A 133 -15.18 -16.02 10.21
CA TYR A 133 -15.47 -17.28 9.54
C TYR A 133 -14.97 -17.24 8.10
N VAL A 134 -14.23 -18.27 7.71
CA VAL A 134 -13.73 -18.41 6.35
C VAL A 134 -14.12 -19.79 5.82
N SER A 135 -14.02 -19.95 4.50
CA SER A 135 -14.29 -21.24 3.88
C SER A 135 -13.27 -22.28 4.32
N SER A 136 -13.71 -23.53 4.42
CA SER A 136 -12.81 -24.59 4.88
C SER A 136 -11.60 -24.73 3.98
N PRO A 137 -11.72 -24.85 2.65
CA PRO A 137 -10.58 -24.49 1.79
C PRO A 137 -10.73 -23.06 1.32
N THR A 138 -9.89 -22.17 1.84
CA THR A 138 -10.02 -20.75 1.53
C THR A 138 -8.72 -20.23 0.92
N TRP A 139 -8.79 -19.03 0.38
CA TRP A 139 -7.59 -18.32 -0.02
C TRP A 139 -6.74 -18.06 1.22
N GLU A 140 -5.50 -18.56 1.20
CA GLU A 140 -4.71 -18.71 2.42
C GLU A 140 -4.53 -17.41 3.18
N ASN A 141 -4.43 -16.29 2.47
CA ASN A 141 -4.19 -15.01 3.11
C ASN A 141 -5.39 -14.49 3.88
N HIS A 142 -6.57 -15.13 3.75
CA HIS A 142 -7.73 -14.71 4.51
C HIS A 142 -7.46 -14.81 6.01
N ASN A 143 -6.97 -15.97 6.46
CA ASN A 143 -6.60 -16.11 7.86
C ASN A 143 -5.45 -15.17 8.21
N ALA A 144 -4.51 -14.98 7.28
CA ALA A 144 -3.32 -14.18 7.58
C ALA A 144 -3.66 -12.70 7.65
N VAL A 145 -4.54 -12.22 6.78
CA VAL A 145 -4.90 -10.80 6.79
C VAL A 145 -5.71 -10.46 8.05
N PHE A 146 -6.68 -11.32 8.39
CA PHE A 146 -7.50 -11.03 9.57
C PHE A 146 -6.74 -11.30 10.87
N SER A 147 -5.79 -12.23 10.86
CA SER A 147 -4.94 -12.41 12.03
C SER A 147 -4.03 -11.20 12.25
N ALA A 148 -3.52 -10.63 11.17
CA ALA A 148 -2.66 -9.45 11.29
C ALA A 148 -3.42 -8.25 11.84
N ALA A 149 -4.73 -8.21 11.63
CA ALA A 149 -5.57 -7.16 12.19
C ALA A 149 -5.81 -7.35 13.68
N GLY A 150 -5.52 -8.52 14.23
CA GLY A 150 -5.64 -8.78 15.65
C GLY A 150 -6.74 -9.74 16.05
N PHE A 151 -7.56 -10.21 15.11
CA PHE A 151 -8.63 -11.13 15.44
C PHE A 151 -8.07 -12.45 15.91
N LYS A 152 -8.44 -12.86 17.13
CA LYS A 152 -7.86 -14.02 17.79
C LYS A 152 -8.66 -15.30 17.61
N ASP A 153 -9.81 -15.25 16.93
CA ASP A 153 -10.69 -16.42 16.79
C ASP A 153 -11.14 -16.51 15.33
N ILE A 154 -10.30 -17.10 14.48
CA ILE A 154 -10.59 -17.28 13.07
C ILE A 154 -11.13 -18.69 12.88
N ARG A 155 -12.39 -18.78 12.43
CA ARG A 155 -13.08 -20.05 12.32
C ARG A 155 -13.27 -20.43 10.85
N SER A 156 -13.62 -21.69 10.64
CA SER A 156 -13.87 -22.21 9.31
C SER A 156 -15.31 -22.68 9.21
N TYR A 157 -15.89 -22.56 8.01
CA TYR A 157 -17.18 -23.15 7.72
C TYR A 157 -17.01 -24.15 6.59
N ARG A 158 -17.75 -25.26 6.69
CA ARG A 158 -17.65 -26.31 5.69
C ARG A 158 -18.09 -25.80 4.33
N TYR A 159 -17.32 -26.13 3.29
CA TYR A 159 -17.60 -25.61 1.96
C TYR A 159 -17.39 -26.70 0.91
N TRP A 160 -16.15 -27.12 0.71
CA TRP A 160 -15.85 -28.10 -0.33
C TRP A 160 -16.17 -29.50 0.16
N ASP A 161 -16.99 -30.21 -0.62
CA ASP A 161 -17.32 -31.61 -0.36
C ASP A 161 -16.41 -32.46 -1.24
N ALA A 162 -15.47 -33.17 -0.62
CA ALA A 162 -14.49 -33.92 -1.40
C ALA A 162 -15.13 -35.13 -2.09
N GLU A 163 -16.08 -35.78 -1.43
CA GLU A 163 -16.67 -37.00 -1.99
C GLU A 163 -17.54 -36.69 -3.20
N LYS A 164 -18.48 -35.78 -3.06
CA LYS A 164 -19.35 -35.41 -4.18
C LYS A 164 -18.72 -34.36 -5.09
N ARG A 165 -17.54 -33.85 -4.74
CA ARG A 165 -16.82 -32.85 -5.53
C ARG A 165 -17.72 -31.66 -5.85
N GLY A 166 -18.32 -31.10 -4.80
CA GLY A 166 -19.21 -29.97 -4.94
C GLY A 166 -19.33 -29.19 -3.65
N LEU A 167 -20.32 -28.31 -3.63
CA LEU A 167 -20.53 -27.43 -2.48
C LEU A 167 -21.31 -28.16 -1.40
N ASP A 168 -20.77 -28.15 -0.18
CA ASP A 168 -21.43 -28.74 0.98
C ASP A 168 -22.38 -27.68 1.53
N LEU A 169 -23.60 -27.66 1.01
CA LEU A 169 -24.58 -26.65 1.42
C LEU A 169 -24.99 -26.83 2.88
N GLN A 170 -25.24 -28.08 3.29
CA GLN A 170 -25.72 -28.31 4.65
C GLN A 170 -24.61 -28.15 5.66
N GLY A 171 -23.35 -28.36 5.26
CA GLY A 171 -22.24 -28.05 6.15
C GLY A 171 -21.98 -26.57 6.27
N PHE A 172 -22.19 -25.82 5.18
CA PHE A 172 -22.09 -24.37 5.23
C PHE A 172 -23.17 -23.78 6.13
N LEU A 173 -24.43 -24.12 5.87
CA LEU A 173 -25.53 -23.52 6.61
C LEU A 173 -25.54 -23.95 8.07
N ASN A 174 -25.10 -25.17 8.37
CA ASN A 174 -25.04 -25.61 9.76
C ASN A 174 -23.99 -24.83 10.53
N ASP A 175 -22.83 -24.57 9.93
CA ASP A 175 -21.78 -23.82 10.62
C ASP A 175 -22.19 -22.36 10.81
N LEU A 176 -23.07 -21.84 9.96
CA LEU A 176 -23.55 -20.47 10.14
C LEU A 176 -24.62 -20.39 11.21
N GLU A 177 -25.44 -21.44 11.36
CA GLU A 177 -26.46 -21.44 12.41
C GLU A 177 -25.82 -21.52 13.80
N ASN A 178 -24.73 -22.26 13.93
CA ASN A 178 -24.01 -22.37 15.19
C ASN A 178 -22.97 -21.27 15.37
N ALA A 179 -22.83 -20.38 14.39
CA ALA A 179 -21.89 -19.28 14.52
C ALA A 179 -22.40 -18.29 15.56
N PRO A 180 -21.54 -17.77 16.43
CA PRO A 180 -21.97 -16.74 17.37
C PRO A 180 -22.51 -15.51 16.63
N GLU A 181 -23.49 -14.87 17.25
CA GLU A 181 -24.10 -13.70 16.63
C GLU A 181 -23.06 -12.61 16.39
N PHE A 182 -23.29 -11.82 15.33
CA PHE A 182 -22.42 -10.73 14.92
C PHE A 182 -21.06 -11.20 14.44
N SER A 183 -20.91 -12.50 14.16
CA SER A 183 -19.64 -12.99 13.65
C SER A 183 -19.42 -12.53 12.21
N ILE A 184 -18.16 -12.30 11.86
CA ILE A 184 -17.78 -11.89 10.52
C ILE A 184 -17.62 -13.13 9.66
N VAL A 185 -18.29 -13.14 8.51
CA VAL A 185 -18.25 -14.25 7.57
C VAL A 185 -17.64 -13.74 6.27
N VAL A 186 -16.44 -14.22 5.94
CA VAL A 186 -15.78 -13.84 4.70
C VAL A 186 -16.38 -14.67 3.56
N LEU A 187 -17.03 -13.99 2.62
CA LEU A 187 -17.76 -14.65 1.55
C LEU A 187 -17.08 -14.37 0.21
N HIS A 188 -16.85 -15.43 -0.56
CA HIS A 188 -16.41 -15.29 -1.94
C HIS A 188 -17.61 -14.89 -2.80
N ALA A 189 -17.57 -13.68 -3.36
CA ALA A 189 -18.71 -13.19 -4.13
C ALA A 189 -18.94 -14.03 -5.37
N CYS A 190 -17.87 -14.47 -6.02
CA CYS A 190 -17.97 -15.26 -7.24
C CYS A 190 -16.63 -15.93 -7.49
N ALA A 191 -16.66 -17.03 -8.24
CA ALA A 191 -15.46 -17.81 -8.56
C ALA A 191 -14.67 -18.12 -7.29
N HIS A 192 -15.15 -19.07 -6.49
CA HIS A 192 -14.54 -19.33 -5.20
C HIS A 192 -13.08 -19.72 -5.36
N ASN A 193 -12.24 -19.23 -4.45
CA ASN A 193 -10.82 -19.52 -4.44
C ASN A 193 -10.51 -20.40 -3.24
N PRO A 194 -9.91 -21.59 -3.43
CA PRO A 194 -9.40 -22.15 -4.68
C PRO A 194 -10.27 -23.20 -5.37
N THR A 195 -11.50 -23.42 -4.90
CA THR A 195 -12.29 -24.52 -5.43
C THR A 195 -12.94 -24.19 -6.77
N GLY A 196 -13.30 -22.92 -6.99
CA GLY A 196 -14.01 -22.54 -8.19
C GLY A 196 -15.49 -22.83 -8.18
N ILE A 197 -15.98 -23.59 -7.21
CA ILE A 197 -17.40 -23.92 -7.13
C ILE A 197 -18.13 -22.81 -6.39
N ASP A 198 -19.26 -22.37 -6.95
CA ASP A 198 -20.00 -21.26 -6.41
C ASP A 198 -21.40 -21.69 -5.98
N PRO A 199 -21.96 -21.06 -4.95
CA PRO A 199 -23.36 -21.32 -4.61
C PRO A 199 -24.28 -20.78 -5.71
N THR A 200 -25.35 -21.54 -5.98
CA THR A 200 -26.38 -21.05 -6.87
C THR A 200 -27.13 -19.90 -6.20
N PRO A 201 -27.80 -19.05 -6.98
CA PRO A 201 -28.59 -17.97 -6.36
C PRO A 201 -29.57 -18.46 -5.32
N GLU A 202 -30.24 -19.59 -5.56
CA GLU A 202 -31.14 -20.16 -4.56
C GLU A 202 -30.37 -20.70 -3.37
N GLN A 203 -29.12 -21.12 -3.58
CA GLN A 203 -28.26 -21.48 -2.45
C GLN A 203 -27.81 -20.24 -1.70
N TRP A 204 -27.56 -19.14 -2.42
CA TRP A 204 -27.20 -17.88 -1.77
C TRP A 204 -28.36 -17.35 -0.93
N LYS A 205 -29.60 -17.62 -1.33
CA LYS A 205 -30.75 -17.12 -0.59
C LYS A 205 -30.90 -17.82 0.76
N GLN A 206 -30.40 -19.05 0.87
CA GLN A 206 -30.41 -19.73 2.16
C GLN A 206 -29.26 -19.28 3.04
N ILE A 207 -28.11 -18.95 2.44
CA ILE A 207 -26.99 -18.42 3.21
C ILE A 207 -27.33 -17.05 3.78
N ALA A 208 -27.96 -16.20 2.96
CA ALA A 208 -28.36 -14.88 3.42
C ALA A 208 -29.46 -14.95 4.47
N SER A 209 -30.26 -16.01 4.49
CA SER A 209 -31.29 -16.15 5.50
C SER A 209 -30.70 -16.38 6.88
N VAL A 210 -29.74 -17.31 6.97
CA VAL A 210 -29.12 -17.61 8.26
C VAL A 210 -28.29 -16.42 8.75
N MET A 211 -27.55 -15.79 7.84
CA MET A 211 -26.72 -14.65 8.24
C MET A 211 -27.57 -13.48 8.72
N LYS A 212 -28.77 -13.32 8.18
CA LYS A 212 -29.66 -12.27 8.65
C LYS A 212 -30.32 -12.65 9.97
N HIS A 213 -30.69 -13.92 10.13
CA HIS A 213 -31.32 -14.36 11.37
C HIS A 213 -30.34 -14.34 12.54
N ARG A 214 -29.04 -14.29 12.28
CA ARG A 214 -28.03 -14.28 13.34
C ARG A 214 -27.12 -13.06 13.27
N PHE A 215 -27.51 -12.04 12.51
CA PHE A 215 -26.80 -10.75 12.47
C PHE A 215 -25.33 -10.91 12.10
N LEU A 216 -25.03 -11.87 11.24
CA LEU A 216 -23.66 -12.12 10.81
C LEU A 216 -23.22 -11.04 9.82
N PHE A 217 -22.02 -10.49 10.05
CA PHE A 217 -21.51 -9.43 9.19
C PHE A 217 -20.90 -10.04 7.93
N PRO A 218 -21.40 -9.72 6.75
CA PRO A 218 -20.79 -10.22 5.52
C PRO A 218 -19.59 -9.37 5.12
N PHE A 219 -18.47 -10.03 4.86
CA PHE A 219 -17.29 -9.39 4.28
C PHE A 219 -17.06 -10.06 2.94
N PHE A 220 -17.61 -9.45 1.88
CA PHE A 220 -17.53 -10.03 0.56
C PHE A 220 -16.14 -9.87 -0.03
N ASP A 221 -15.74 -10.87 -0.82
CA ASP A 221 -14.43 -10.92 -1.46
C ASP A 221 -14.64 -11.07 -2.96
N SER A 222 -14.99 -9.95 -3.61
CA SER A 222 -15.25 -9.95 -5.05
C SER A 222 -13.94 -9.65 -5.76
N ALA A 223 -13.25 -10.70 -6.17
CA ALA A 223 -11.95 -10.57 -6.81
C ALA A 223 -11.92 -10.99 -8.27
N TYR A 224 -13.06 -11.43 -8.82
CA TYR A 224 -13.08 -11.91 -10.20
C TYR A 224 -14.32 -11.46 -10.97
N GLN A 225 -14.92 -10.33 -10.57
CA GLN A 225 -16.15 -9.88 -11.23
C GLN A 225 -15.89 -9.64 -12.71
N GLY A 226 -16.65 -10.32 -13.54
CA GLY A 226 -16.45 -10.29 -14.99
C GLY A 226 -15.43 -11.31 -15.48
N PHE A 227 -14.29 -11.39 -14.80
CA PHE A 227 -13.23 -12.30 -15.22
C PHE A 227 -13.69 -13.75 -15.23
N ALA A 228 -14.59 -14.12 -14.32
CA ALA A 228 -14.96 -15.52 -14.15
C ALA A 228 -15.97 -15.96 -15.19
N SER A 229 -17.12 -15.28 -15.25
CA SER A 229 -18.20 -15.67 -16.14
C SER A 229 -18.22 -14.91 -17.46
N GLY A 230 -17.50 -13.80 -17.55
CA GLY A 230 -17.65 -12.89 -18.67
C GLY A 230 -18.83 -11.95 -18.53
N ASN A 231 -19.70 -12.18 -17.55
CA ASN A 231 -20.88 -11.36 -17.31
C ASN A 231 -20.70 -10.63 -15.99
N LEU A 232 -20.65 -9.30 -16.04
CA LEU A 232 -20.49 -8.51 -14.82
C LEU A 232 -21.73 -8.58 -13.94
N GLU A 233 -22.92 -8.60 -14.54
CA GLU A 233 -24.15 -8.62 -13.76
C GLU A 233 -24.32 -9.96 -13.04
N ARG A 234 -23.91 -11.06 -13.67
CA ARG A 234 -24.05 -12.37 -13.04
C ARG A 234 -23.03 -12.55 -11.93
N ASP A 235 -21.80 -12.06 -12.13
CA ASP A 235 -20.74 -12.23 -11.15
C ASP A 235 -20.94 -11.37 -9.90
N ALA A 236 -21.91 -10.46 -9.91
CA ALA A 236 -22.19 -9.61 -8.76
C ALA A 236 -23.60 -9.81 -8.22
N TRP A 237 -24.24 -10.92 -8.57
CA TRP A 237 -25.63 -11.14 -8.15
C TRP A 237 -25.73 -11.31 -6.65
N ALA A 238 -24.81 -12.06 -6.05
CA ALA A 238 -24.87 -12.30 -4.60
C ALA A 238 -24.70 -11.00 -3.82
N ILE A 239 -23.78 -10.14 -4.26
CA ILE A 239 -23.59 -8.85 -3.59
C ILE A 239 -24.85 -8.01 -3.69
N ARG A 240 -25.41 -7.90 -4.91
CA ARG A 240 -26.60 -7.10 -5.11
C ARG A 240 -27.83 -7.71 -4.46
N TYR A 241 -27.84 -9.02 -4.23
CA TYR A 241 -28.92 -9.63 -3.47
C TYR A 241 -28.85 -9.26 -2.00
N PHE A 242 -27.63 -9.21 -1.45
CA PHE A 242 -27.47 -8.80 -0.06
C PHE A 242 -27.90 -7.35 0.14
N VAL A 243 -27.70 -6.49 -0.87
CA VAL A 243 -28.16 -5.12 -0.79
C VAL A 243 -29.68 -5.06 -0.73
N SER A 244 -30.35 -5.85 -1.57
CA SER A 244 -31.80 -5.84 -1.61
C SER A 244 -32.43 -6.41 -0.35
N GLU A 245 -31.71 -7.28 0.37
CA GLU A 245 -32.20 -7.85 1.62
C GLU A 245 -31.86 -6.99 2.83
N GLY A 246 -31.26 -5.82 2.62
CA GLY A 246 -31.00 -4.90 3.72
C GLY A 246 -29.77 -5.20 4.54
N PHE A 247 -28.78 -5.87 3.96
CA PHE A 247 -27.56 -6.19 4.68
C PHE A 247 -26.64 -4.98 4.75
N GLU A 248 -25.89 -4.88 5.85
CA GLU A 248 -24.74 -4.00 5.96
C GLU A 248 -23.49 -4.84 5.85
N PHE A 249 -22.62 -4.50 4.90
CA PHE A 249 -21.50 -5.39 4.61
C PHE A 249 -20.35 -4.60 3.99
N PHE A 250 -19.18 -5.23 3.99
CA PHE A 250 -18.02 -4.81 3.21
C PHE A 250 -17.87 -5.72 1.99
N CYS A 251 -17.21 -5.19 0.97
CA CYS A 251 -16.95 -5.97 -0.25
C CYS A 251 -15.58 -5.54 -0.78
N ALA A 252 -14.55 -6.35 -0.52
CA ALA A 252 -13.21 -6.04 -1.01
C ALA A 252 -13.15 -6.33 -2.50
N GLN A 253 -13.01 -5.28 -3.30
CA GLN A 253 -12.98 -5.41 -4.75
C GLN A 253 -11.55 -5.49 -5.25
N SER A 254 -11.32 -6.35 -6.23
CA SER A 254 -10.01 -6.51 -6.85
C SER A 254 -10.12 -6.24 -8.35
N PHE A 255 -9.13 -5.54 -8.89
CA PHE A 255 -9.02 -5.32 -10.32
C PHE A 255 -7.73 -5.92 -10.89
N SER A 256 -7.16 -6.89 -10.19
CA SER A 256 -5.94 -7.53 -10.67
C SER A 256 -6.21 -8.46 -11.84
N LYS A 257 -7.39 -9.06 -11.89
CA LYS A 257 -7.71 -10.09 -12.88
C LYS A 257 -8.54 -9.55 -14.06
N ASN A 258 -9.69 -8.93 -13.77
CA ASN A 258 -10.56 -8.45 -14.83
C ASN A 258 -9.92 -7.32 -15.64
N PHE A 259 -8.90 -6.66 -15.09
CA PHE A 259 -8.13 -5.67 -15.82
C PHE A 259 -6.71 -6.11 -16.12
N GLY A 260 -6.24 -7.19 -15.50
CA GLY A 260 -4.87 -7.62 -15.70
C GLY A 260 -3.82 -6.71 -15.10
N LEU A 261 -4.23 -5.82 -14.19
CA LEU A 261 -3.31 -4.86 -13.58
C LEU A 261 -2.83 -5.35 -12.22
N TYR A 262 -2.15 -6.50 -12.24
CA TYR A 262 -1.67 -7.10 -11.00
C TYR A 262 -0.67 -6.20 -10.29
N ASN A 263 0.33 -5.71 -11.02
CA ASN A 263 1.42 -4.96 -10.42
C ASN A 263 1.13 -3.48 -10.28
N GLU A 264 -0.09 -3.04 -10.52
CA GLU A 264 -0.49 -1.68 -10.22
C GLU A 264 -1.34 -1.58 -8.96
N ARG A 265 -1.75 -2.72 -8.40
CA ARG A 265 -2.42 -2.81 -7.10
C ARG A 265 -3.65 -1.90 -7.05
N VAL A 266 -4.66 -2.30 -7.80
CA VAL A 266 -5.90 -1.55 -7.93
C VAL A 266 -6.99 -2.34 -7.20
N GLY A 267 -7.49 -1.76 -6.10
CA GLY A 267 -8.57 -2.37 -5.35
C GLY A 267 -9.48 -1.30 -4.78
N ASN A 268 -10.62 -1.76 -4.27
CA ASN A 268 -11.59 -0.85 -3.68
C ASN A 268 -12.35 -1.57 -2.58
N LEU A 269 -12.62 -0.86 -1.48
CA LEU A 269 -13.38 -1.40 -0.36
C LEU A 269 -14.75 -0.72 -0.37
N THR A 270 -15.75 -1.44 -0.85
CA THR A 270 -17.11 -0.92 -0.90
C THR A 270 -17.80 -1.14 0.44
N VAL A 271 -18.34 -0.07 1.00
CA VAL A 271 -19.01 -0.09 2.30
C VAL A 271 -20.49 0.20 2.09
N VAL A 272 -21.34 -0.69 2.57
CA VAL A 272 -22.79 -0.55 2.44
C VAL A 272 -23.40 -0.56 3.84
N GLY A 273 -24.06 0.54 4.20
CA GLY A 273 -24.68 0.68 5.50
C GLY A 273 -26.13 1.10 5.39
N LYS A 274 -26.76 1.24 6.56
CA LYS A 274 -28.17 1.61 6.66
C LYS A 274 -28.39 3.11 6.58
N GLU A 275 -27.59 3.90 7.29
CA GLU A 275 -27.78 5.35 7.31
C GLU A 275 -26.61 6.05 6.64
N PRO A 276 -26.87 7.04 5.79
CA PRO A 276 -25.76 7.69 5.06
C PRO A 276 -24.79 8.42 5.97
N GLU A 277 -25.25 8.97 7.09
CA GLU A 277 -24.35 9.69 7.99
C GLU A 277 -23.29 8.76 8.57
N SER A 278 -23.68 7.55 8.94
CA SER A 278 -22.71 6.59 9.48
C SER A 278 -21.67 6.20 8.44
N ILE A 279 -22.07 6.14 7.16
CA ILE A 279 -21.13 5.76 6.10
C ILE A 279 -20.00 6.76 6.00
N LEU A 280 -20.33 8.05 6.03
CA LEU A 280 -19.30 9.09 5.99
C LEU A 280 -18.38 9.00 7.20
N GLN A 281 -18.95 8.74 8.38
CA GLN A 281 -18.13 8.60 9.58
C GLN A 281 -17.25 7.36 9.52
N VAL A 282 -17.70 6.31 8.83
CA VAL A 282 -16.85 5.14 8.63
C VAL A 282 -15.67 5.47 7.72
N LEU A 283 -15.95 6.14 6.61
CA LEU A 283 -14.89 6.52 5.68
C LEU A 283 -13.88 7.45 6.35
N SER A 284 -14.31 8.25 7.31
CA SER A 284 -13.39 9.13 8.02
C SER A 284 -12.45 8.33 8.91
N GLN A 285 -12.98 7.37 9.66
CA GLN A 285 -12.12 6.56 10.51
CA GLN A 285 -12.13 6.53 10.52
C GLN A 285 -11.22 5.64 9.70
N MET A 286 -11.61 5.30 8.47
CA MET A 286 -10.73 4.52 7.62
C MET A 286 -9.61 5.36 7.04
N GLU A 287 -9.80 6.67 6.94
CA GLU A 287 -8.70 7.56 6.54
C GLU A 287 -7.55 7.47 7.53
N LYS A 288 -7.86 7.42 8.83
CA LYS A 288 -6.82 7.27 9.85
C LYS A 288 -6.12 5.93 9.72
N ILE A 289 -6.88 4.87 9.39
CA ILE A 289 -6.27 3.56 9.18
C ILE A 289 -5.38 3.58 7.94
N VAL A 290 -5.85 4.23 6.87
CA VAL A 290 -5.08 4.27 5.63
C VAL A 290 -3.77 5.02 5.83
N ARG A 291 -3.85 6.26 6.34
CA ARG A 291 -2.69 7.14 6.37
C ARG A 291 -1.55 6.60 7.23
N ILE A 292 -1.81 5.62 8.10
CA ILE A 292 -0.75 4.94 8.85
C ILE A 292 -0.34 3.62 8.21
N THR A 293 -1.01 3.22 7.13
CA THR A 293 -0.64 2.02 6.41
C THR A 293 0.14 2.42 5.16
N TRP A 294 -0.58 2.84 4.13
CA TRP A 294 -0.03 3.64 3.04
C TRP A 294 -0.68 5.02 3.13
N SER A 295 0.14 6.07 3.10
CA SER A 295 -0.39 7.41 3.36
C SER A 295 -1.55 7.74 2.43
N ASN A 296 -1.43 7.36 1.16
CA ASN A 296 -2.50 7.53 0.19
C ASN A 296 -2.26 6.56 -0.96
N PRO A 297 -3.30 6.18 -1.69
CA PRO A 297 -3.15 5.13 -2.70
C PRO A 297 -2.49 5.64 -3.97
N PRO A 298 -1.94 4.76 -4.80
CA PRO A 298 -1.34 5.20 -6.06
C PRO A 298 -2.40 5.56 -7.09
N ALA A 299 -1.95 6.27 -8.13
CA ALA A 299 -2.85 6.89 -9.10
C ALA A 299 -2.94 6.13 -10.42
N GLN A 300 -1.83 5.56 -10.90
CA GLN A 300 -1.79 5.03 -12.25
C GLN A 300 -2.84 3.94 -12.46
N GLY A 301 -2.86 2.94 -11.58
CA GLY A 301 -3.82 1.86 -11.73
C GLY A 301 -5.27 2.33 -11.61
N ALA A 302 -5.55 3.19 -10.64
CA ALA A 302 -6.90 3.72 -10.48
C ALA A 302 -7.30 4.60 -11.65
N ARG A 303 -6.35 5.33 -12.23
CA ARG A 303 -6.66 6.14 -13.40
C ARG A 303 -7.05 5.26 -14.59
N ILE A 304 -6.39 4.12 -14.74
CA ILE A 304 -6.68 3.22 -15.86
C ILE A 304 -8.11 2.68 -15.74
N VAL A 305 -8.47 2.20 -14.54
CA VAL A 305 -9.80 1.64 -14.34
C VAL A 305 -10.86 2.72 -14.46
N ALA A 306 -10.57 3.92 -13.94
CA ALA A 306 -11.55 5.01 -13.99
C ALA A 306 -11.84 5.42 -15.43
N SER A 307 -10.78 5.65 -16.21
CA SER A 307 -10.98 6.03 -17.61
C SER A 307 -11.74 4.96 -18.38
N THR A 308 -11.51 3.68 -18.06
CA THR A 308 -12.18 2.60 -18.76
C THR A 308 -13.67 2.58 -18.41
N LEU A 309 -14.00 2.59 -17.12
CA LEU A 309 -15.40 2.51 -16.70
C LEU A 309 -16.17 3.81 -16.93
N SER A 310 -15.48 4.93 -17.12
CA SER A 310 -16.18 6.20 -17.34
C SER A 310 -16.55 6.40 -18.80
N ASN A 311 -15.61 6.10 -19.71
CA ASN A 311 -15.87 6.28 -21.13
C ASN A 311 -16.62 5.07 -21.67
N PRO A 312 -17.79 5.24 -22.27
CA PRO A 312 -18.55 4.08 -22.74
C PRO A 312 -17.87 3.32 -23.87
N GLU A 313 -17.11 4.00 -24.72
CA GLU A 313 -16.43 3.32 -25.81
C GLU A 313 -15.32 2.41 -25.30
N LEU A 314 -14.59 2.85 -24.27
CA LEU A 314 -13.58 2.00 -23.65
C LEU A 314 -14.19 0.91 -22.78
N PHE A 315 -15.44 1.09 -22.34
CA PHE A 315 -16.06 0.09 -21.48
C PHE A 315 -16.32 -1.21 -22.23
N GLU A 316 -16.76 -1.11 -23.49
CA GLU A 316 -17.07 -2.31 -24.26
C GLU A 316 -15.80 -3.04 -24.71
N GLU A 317 -14.76 -2.30 -25.08
CA GLU A 317 -13.49 -2.95 -25.40
C GLU A 317 -12.97 -3.74 -24.20
N TRP A 318 -13.20 -3.25 -22.99
CA TRP A 318 -12.80 -3.98 -21.79
C TRP A 318 -13.61 -5.25 -21.61
N THR A 319 -14.94 -5.15 -21.75
CA THR A 319 -15.78 -6.35 -21.63
C THR A 319 -15.47 -7.36 -22.74
N GLY A 320 -15.04 -6.88 -23.90
CA GLY A 320 -14.58 -7.79 -24.94
C GLY A 320 -13.29 -8.49 -24.57
N ASN A 321 -12.36 -7.75 -23.95
CA ASN A 321 -11.15 -8.38 -23.43
C ASN A 321 -11.48 -9.30 -22.26
N VAL A 322 -12.42 -8.90 -21.41
CA VAL A 322 -12.86 -9.75 -20.32
C VAL A 322 -13.50 -11.02 -20.86
N LYS A 323 -14.29 -10.90 -21.91
CA LYS A 323 -14.95 -12.07 -22.49
C LYS A 323 -13.93 -13.07 -23.05
N THR A 324 -12.83 -12.57 -23.62
CA THR A 324 -11.81 -13.45 -24.16
C THR A 324 -11.21 -14.34 -23.07
N MET A 325 -10.87 -13.75 -21.92
CA MET A 325 -10.30 -14.53 -20.84
C MET A 325 -11.31 -15.52 -20.28
N ALA A 326 -12.56 -15.09 -20.13
CA ALA A 326 -13.58 -15.97 -19.56
C ALA A 326 -13.93 -17.11 -20.51
N ASP A 327 -13.96 -16.83 -21.82
CA ASP A 327 -14.32 -17.86 -22.79
C ASP A 327 -13.21 -18.90 -22.92
N ARG A 328 -11.95 -18.46 -22.92
CA ARG A 328 -10.84 -19.41 -23.01
C ARG A 328 -10.80 -20.34 -21.81
N ILE A 329 -11.04 -19.80 -20.61
CA ILE A 329 -11.11 -20.63 -19.42
C ILE A 329 -12.32 -21.56 -19.49
N LEU A 330 -13.44 -21.06 -19.99
CA LEU A 330 -14.62 -21.90 -20.16
C LEU A 330 -14.35 -23.05 -21.12
N THR A 331 -13.60 -22.78 -22.18
CA THR A 331 -13.31 -23.83 -23.17
C THR A 331 -12.27 -24.81 -22.64
N MET A 332 -11.29 -24.33 -21.88
CA MET A 332 -10.30 -25.22 -21.29
C MET A 332 -10.94 -26.20 -20.31
N ARG A 333 -11.89 -25.70 -19.51
CA ARG A 333 -12.63 -26.59 -18.61
C ARG A 333 -13.44 -27.61 -19.40
N SER A 334 -14.15 -27.14 -20.42
CA SER A 334 -15.04 -28.02 -21.18
C SER A 334 -14.26 -29.15 -21.85
N GLU A 335 -13.10 -28.85 -22.43
CA GLU A 335 -12.32 -29.87 -23.10
C GLU A 335 -11.63 -30.80 -22.12
N LEU A 336 -11.31 -30.32 -20.91
CA LEU A 336 -10.71 -31.19 -19.91
C LEU A 336 -11.70 -32.26 -19.46
N ARG A 337 -12.95 -31.87 -19.20
CA ARG A 337 -13.97 -32.84 -18.84
C ARG A 337 -14.27 -33.78 -20.00
N ALA A 338 -14.23 -33.26 -21.23
CA ALA A 338 -14.52 -34.08 -22.39
C ALA A 338 -13.50 -35.19 -22.56
N ARG A 339 -12.21 -34.84 -22.53
CA ARG A 339 -11.16 -35.84 -22.69
C ARG A 339 -11.18 -36.84 -21.53
N LEU A 340 -11.44 -36.36 -20.32
CA LEU A 340 -11.47 -37.26 -19.17
C LEU A 340 -12.61 -38.27 -19.27
N GLU A 341 -13.80 -37.82 -19.68
CA GLU A 341 -14.92 -38.72 -19.83
C GLU A 341 -14.77 -39.60 -21.08
N ALA A 342 -14.11 -39.09 -22.12
CA ALA A 342 -13.83 -39.91 -23.29
C ALA A 342 -12.91 -41.07 -22.94
N LEU A 343 -11.96 -40.84 -22.03
CA LEU A 343 -11.03 -41.87 -21.58
C LEU A 343 -11.65 -42.84 -20.58
N LYS A 344 -12.94 -42.70 -20.29
CA LYS A 344 -13.64 -43.57 -19.33
C LYS A 344 -12.98 -43.53 -17.96
N THR A 345 -12.63 -42.33 -17.52
CA THR A 345 -12.00 -42.16 -16.21
C THR A 345 -13.04 -42.32 -15.11
N PRO A 346 -12.73 -43.09 -14.06
CA PRO A 346 -13.70 -43.31 -12.98
C PRO A 346 -14.09 -42.01 -12.28
N GLY A 347 -15.29 -42.02 -11.70
CA GLY A 347 -15.81 -40.88 -10.99
C GLY A 347 -16.54 -39.91 -11.92
N THR A 348 -17.17 -38.92 -11.29
CA THR A 348 -17.85 -37.86 -12.01
C THR A 348 -16.90 -36.71 -12.27
N TRP A 349 -17.15 -35.98 -13.36
CA TRP A 349 -16.26 -34.90 -13.75
C TRP A 349 -17.03 -33.67 -14.23
N ASN A 350 -18.31 -33.55 -13.90
CA ASN A 350 -19.06 -32.36 -14.25
C ASN A 350 -18.63 -31.15 -13.42
N HIS A 351 -17.95 -31.38 -12.29
CA HIS A 351 -17.50 -30.27 -11.46
C HIS A 351 -16.48 -29.40 -12.19
N ILE A 352 -15.76 -29.96 -13.16
CA ILE A 352 -14.83 -29.16 -13.95
C ILE A 352 -15.57 -28.06 -14.70
N THR A 353 -16.75 -28.37 -15.22
CA THR A 353 -17.56 -27.37 -15.90
C THR A 353 -18.56 -26.70 -14.98
N ASP A 354 -18.89 -27.31 -13.83
CA ASP A 354 -19.78 -26.64 -12.89
C ASP A 354 -19.08 -25.52 -12.14
N GLN A 355 -17.76 -25.60 -11.99
CA GLN A 355 -17.00 -24.54 -11.36
C GLN A 355 -16.83 -23.36 -12.32
N ILE A 356 -16.49 -22.21 -11.75
CA ILE A 356 -16.29 -20.99 -12.51
C ILE A 356 -14.97 -20.35 -12.07
N GLY A 357 -14.29 -19.72 -13.03
CA GLY A 357 -13.03 -19.05 -12.76
C GLY A 357 -11.85 -19.86 -13.23
N MET A 358 -10.66 -19.27 -13.05
CA MET A 358 -9.43 -19.89 -13.52
C MET A 358 -8.80 -20.81 -12.48
N PHE A 359 -9.51 -21.12 -11.39
CA PHE A 359 -9.03 -22.03 -10.36
CA PHE A 359 -9.03 -22.03 -10.36
C PHE A 359 -10.05 -23.15 -10.19
N SER A 360 -9.55 -24.39 -10.16
CA SER A 360 -10.42 -25.56 -10.08
C SER A 360 -9.83 -26.57 -9.10
N PHE A 361 -10.72 -27.19 -8.32
CA PHE A 361 -10.38 -28.35 -7.52
C PHE A 361 -10.64 -29.60 -8.37
N THR A 362 -9.57 -30.29 -8.77
CA THR A 362 -9.69 -31.45 -9.63
C THR A 362 -10.28 -32.66 -8.92
N GLY A 363 -10.39 -32.63 -7.59
CA GLY A 363 -10.89 -33.77 -6.85
C GLY A 363 -9.87 -34.86 -6.63
N LEU A 364 -8.59 -34.57 -6.79
CA LEU A 364 -7.54 -35.56 -6.60
C LEU A 364 -7.00 -35.49 -5.17
N ASN A 365 -6.61 -36.65 -4.65
CA ASN A 365 -5.99 -36.71 -3.34
C ASN A 365 -4.51 -36.33 -3.43
N PRO A 366 -3.89 -35.97 -2.31
CA PRO A 366 -2.49 -35.53 -2.36
C PRO A 366 -1.54 -36.54 -2.98
N LYS A 367 -1.81 -37.85 -2.85
CA LYS A 367 -0.93 -38.83 -3.45
C LYS A 367 -1.16 -39.01 -4.95
N GLN A 368 -2.37 -38.68 -5.43
CA GLN A 368 -2.56 -38.60 -6.88
C GLN A 368 -1.89 -37.36 -7.45
N VAL A 369 -1.74 -36.31 -6.64
CA VAL A 369 -1.01 -35.13 -7.06
C VAL A 369 0.47 -35.43 -7.16
N GLU A 370 1.00 -36.21 -6.22
CA GLU A 370 2.42 -36.55 -6.23
C GLU A 370 2.81 -37.32 -7.49
N TYR A 371 1.91 -38.16 -8.01
CA TYR A 371 2.17 -38.86 -9.26
C TYR A 371 2.26 -37.89 -10.43
N LEU A 372 1.39 -36.88 -10.45
CA LEU A 372 1.40 -35.91 -11.54
C LEU A 372 2.69 -35.09 -11.52
N VAL A 373 3.20 -34.77 -10.34
CA VAL A 373 4.41 -33.95 -10.24
C VAL A 373 5.65 -34.81 -10.48
N ASN A 374 5.71 -35.99 -9.86
CA ASN A 374 6.92 -36.80 -9.92
C ASN A 374 7.05 -37.52 -11.26
N GLU A 375 6.01 -38.24 -11.67
CA GLU A 375 6.10 -39.11 -12.84
C GLU A 375 5.66 -38.44 -14.12
N LYS A 376 4.81 -37.41 -14.06
CA LYS A 376 4.34 -36.72 -15.25
C LYS A 376 4.80 -35.28 -15.34
N HIS A 377 5.40 -34.74 -14.28
CA HIS A 377 5.96 -33.38 -14.27
C HIS A 377 4.90 -32.32 -14.53
N ILE A 378 3.67 -32.57 -14.07
CA ILE A 378 2.61 -31.58 -14.06
C ILE A 378 2.54 -31.01 -12.65
N TYR A 379 2.86 -29.72 -12.52
CA TYR A 379 3.04 -29.10 -11.22
C TYR A 379 1.72 -28.46 -10.76
N LEU A 380 1.16 -29.00 -9.68
CA LEU A 380 -0.04 -28.47 -9.05
C LEU A 380 0.11 -28.62 -7.55
N LEU A 381 -0.81 -28.01 -6.81
CA LEU A 381 -0.72 -28.04 -5.36
C LEU A 381 -1.24 -29.37 -4.81
N PRO A 382 -0.76 -29.79 -3.64
CA PRO A 382 -1.28 -31.02 -3.03
C PRO A 382 -2.77 -30.99 -2.78
N SER A 383 -3.37 -29.80 -2.68
CA SER A 383 -4.82 -29.68 -2.56
C SER A 383 -5.57 -30.17 -3.79
N GLY A 384 -4.87 -30.36 -4.90
CA GLY A 384 -5.52 -30.70 -6.16
C GLY A 384 -5.93 -29.50 -7.00
N ARG A 385 -5.55 -28.29 -6.58
CA ARG A 385 -5.94 -27.09 -7.30
C ARG A 385 -5.05 -26.88 -8.52
N ILE A 386 -5.68 -26.57 -9.65
CA ILE A 386 -4.96 -26.21 -10.86
C ILE A 386 -5.45 -24.86 -11.34
N ASN A 387 -4.54 -24.12 -11.98
CA ASN A 387 -4.93 -22.93 -12.74
C ASN A 387 -5.36 -23.41 -14.13
N VAL A 388 -6.66 -23.32 -14.42
CA VAL A 388 -7.17 -23.83 -15.68
C VAL A 388 -6.57 -23.08 -16.86
N SER A 389 -6.19 -21.81 -16.67
CA SER A 389 -5.54 -21.06 -17.73
C SER A 389 -4.11 -21.54 -18.01
N GLY A 390 -3.55 -22.34 -17.10
CA GLY A 390 -2.31 -23.04 -17.40
C GLY A 390 -2.47 -24.17 -18.40
N LEU A 391 -3.71 -24.57 -18.69
CA LEU A 391 -3.98 -25.56 -19.71
C LEU A 391 -4.01 -24.88 -21.08
N THR A 392 -3.29 -25.46 -22.04
CA THR A 392 -3.29 -25.00 -23.42
C THR A 392 -3.76 -26.13 -24.31
N THR A 393 -4.20 -25.77 -25.52
CA THR A 393 -4.65 -26.78 -26.48
C THR A 393 -3.52 -27.71 -26.91
N LYS A 394 -2.27 -27.37 -26.63
CA LYS A 394 -1.15 -28.22 -26.97
C LYS A 394 -0.71 -29.14 -25.84
N ASN A 395 -1.08 -28.83 -24.59
CA ASN A 395 -0.81 -29.73 -23.47
C ASN A 395 -2.06 -30.34 -22.87
N LEU A 396 -3.24 -29.89 -23.27
CA LEU A 396 -4.48 -30.37 -22.66
C LEU A 396 -4.64 -31.87 -22.85
N ASP A 397 -4.29 -32.38 -24.03
CA ASP A 397 -4.37 -33.81 -24.27
C ASP A 397 -3.41 -34.59 -23.38
N TYR A 398 -2.26 -34.00 -23.07
CA TYR A 398 -1.30 -34.67 -22.19
C TYR A 398 -1.71 -34.59 -20.72
N VAL A 399 -2.38 -33.51 -20.31
CA VAL A 399 -2.79 -33.38 -18.92
C VAL A 399 -3.96 -34.30 -18.61
N ALA A 400 -4.95 -34.34 -19.51
CA ALA A 400 -6.12 -35.19 -19.29
C ALA A 400 -5.72 -36.65 -19.20
N THR A 401 -4.85 -37.11 -20.09
CA THR A 401 -4.35 -38.48 -20.00
C THR A 401 -3.53 -38.69 -18.73
N SER A 402 -2.82 -37.66 -18.28
CA SER A 402 -2.05 -37.78 -17.05
C SER A 402 -2.97 -37.90 -15.84
N ILE A 403 -4.06 -37.13 -15.81
CA ILE A 403 -5.02 -37.23 -14.72
C ILE A 403 -5.69 -38.60 -14.72
N HIS A 404 -5.95 -39.15 -15.91
CA HIS A 404 -6.54 -40.47 -16.02
C HIS A 404 -5.66 -41.53 -15.36
N GLU A 405 -4.35 -41.44 -15.58
CA GLU A 405 -3.43 -42.40 -14.97
C GLU A 405 -3.44 -42.28 -13.46
N ALA A 406 -3.42 -41.05 -12.94
CA ALA A 406 -3.27 -40.85 -11.50
C ALA A 406 -4.44 -41.45 -10.71
N VAL A 407 -5.65 -41.42 -11.26
CA VAL A 407 -6.80 -41.96 -10.55
C VAL A 407 -6.94 -43.46 -10.77
N THR A 408 -6.50 -43.97 -11.93
CA THR A 408 -6.58 -45.41 -12.17
C THR A 408 -5.41 -46.15 -11.54
N LYS A 409 -4.27 -45.49 -11.34
CA LYS A 409 -3.10 -46.13 -10.76
C LYS A 409 -2.95 -45.89 -9.26
N ILE A 410 -3.52 -44.81 -8.74
CA ILE A 410 -3.39 -44.50 -7.32
C ILE A 410 -4.75 -44.48 -6.64
N PRO B 1 -28.26 -0.77 18.40
CA PRO B 1 -28.59 0.24 17.38
C PRO B 1 -28.93 -0.39 16.04
N PRO B 2 -29.75 0.31 15.24
CA PRO B 2 -30.12 -0.25 13.93
C PRO B 2 -28.93 -0.49 13.01
N SER B 3 -28.02 0.47 12.93
CA SER B 3 -26.85 0.34 12.07
C SER B 3 -25.67 -0.23 12.85
N VAL B 4 -24.90 -1.09 12.18
CA VAL B 4 -23.69 -1.62 12.78
C VAL B 4 -22.67 -0.50 13.00
N PHE B 5 -22.69 0.53 12.16
CA PHE B 5 -21.77 1.64 12.23
C PHE B 5 -22.35 2.84 12.96
N ALA B 6 -23.42 2.65 13.73
CA ALA B 6 -24.09 3.78 14.36
C ALA B 6 -23.26 4.37 15.50
N GLU B 7 -22.65 3.51 16.32
CA GLU B 7 -21.84 3.95 17.46
C GLU B 7 -20.41 4.29 17.06
N VAL B 8 -20.19 4.78 15.85
CA VAL B 8 -18.87 5.11 15.33
C VAL B 8 -18.87 6.59 14.95
N PRO B 9 -18.02 7.42 15.54
CA PRO B 9 -18.08 8.86 15.28
C PRO B 9 -17.18 9.29 14.12
N GLN B 10 -17.34 10.56 13.74
CA GLN B 10 -16.52 11.14 12.68
C GLN B 10 -15.10 11.39 13.18
N ALA B 11 -14.11 10.96 12.41
CA ALA B 11 -12.73 11.04 12.83
C ALA B 11 -12.29 12.50 12.99
N GLN B 12 -11.27 12.70 13.81
CA GLN B 12 -10.71 14.03 14.02
C GLN B 12 -10.06 14.52 12.74
N PRO B 13 -10.52 15.62 12.15
CA PRO B 13 -9.86 16.14 10.94
C PRO B 13 -8.46 16.62 11.27
N VAL B 14 -7.48 16.18 10.47
CA VAL B 14 -6.10 16.57 10.72
C VAL B 14 -5.99 18.09 10.59
N LEU B 15 -5.03 18.66 11.33
CA LEU B 15 -5.02 20.11 11.50
C LEU B 15 -4.56 20.83 10.23
N VAL B 16 -3.68 20.22 9.44
CA VAL B 16 -3.16 20.93 8.27
C VAL B 16 -4.15 20.89 7.10
N PHE B 17 -4.97 19.84 7.01
CA PHE B 17 -5.99 19.81 5.96
C PHE B 17 -7.13 20.77 6.26
N LYS B 18 -7.44 20.99 7.55
CA LYS B 18 -8.40 22.01 7.91
C LYS B 18 -7.89 23.40 7.57
N LEU B 19 -6.57 23.61 7.71
CA LEU B 19 -5.98 24.89 7.34
C LEU B 19 -6.16 25.17 5.86
N THR B 20 -5.88 24.18 5.01
CA THR B 20 -6.08 24.35 3.57
C THR B 20 -7.55 24.55 3.25
N ALA B 21 -8.45 23.88 3.98
CA ALA B 21 -9.88 24.05 3.73
C ALA B 21 -10.33 25.47 4.07
N ASP B 22 -9.86 26.02 5.20
CA ASP B 22 -10.22 27.39 5.55
C ASP B 22 -9.58 28.40 4.60
N PHE B 23 -8.45 28.05 4.00
CA PHE B 23 -7.79 28.95 3.06
C PHE B 23 -8.64 29.14 1.81
N ARG B 24 -9.08 28.05 1.19
CA ARG B 24 -9.89 28.12 -0.02
C ARG B 24 -11.29 28.66 0.24
N GLU B 25 -11.66 28.90 1.50
CA GLU B 25 -12.93 29.53 1.84
C GLU B 25 -12.79 31.01 2.17
N ASP B 26 -11.58 31.46 2.50
CA ASP B 26 -11.36 32.86 2.84
C ASP B 26 -11.52 33.73 1.59
N PRO B 27 -12.45 34.67 1.56
CA PRO B 27 -12.64 35.52 0.38
C PRO B 27 -11.65 36.67 0.26
N ASP B 28 -10.73 36.80 1.20
CA ASP B 28 -9.77 37.90 1.15
C ASP B 28 -8.90 37.79 -0.10
N PRO B 29 -8.63 38.90 -0.79
CA PRO B 29 -7.82 38.82 -2.01
C PRO B 29 -6.32 38.70 -1.76
N ARG B 30 -5.87 38.85 -0.52
CA ARG B 30 -4.45 38.77 -0.19
C ARG B 30 -4.11 37.48 0.56
N LYS B 31 -4.94 36.44 0.44
CA LYS B 31 -4.73 35.23 1.20
C LYS B 31 -3.52 34.45 0.67
N VAL B 32 -2.72 33.94 1.60
CA VAL B 32 -1.53 33.15 1.27
C VAL B 32 -1.63 31.80 1.97
N ASN B 33 -1.37 30.74 1.21
CA ASN B 33 -1.42 29.37 1.74
C ASN B 33 0.02 28.87 1.88
N LEU B 34 0.53 28.88 3.10
CA LEU B 34 1.85 28.36 3.40
C LEU B 34 1.79 26.98 4.07
N GLY B 35 0.64 26.32 4.03
CA GLY B 35 0.49 25.02 4.65
C GLY B 35 0.25 23.90 3.65
N VAL B 36 0.74 24.06 2.43
CA VAL B 36 0.64 23.02 1.42
C VAL B 36 1.75 22.01 1.66
N GLY B 37 1.41 20.72 1.65
CA GLY B 37 2.37 19.68 1.93
C GLY B 37 3.06 19.13 0.70
N ALA B 38 3.47 20.01 -0.21
CA ALA B 38 4.14 19.60 -1.43
C ALA B 38 4.80 20.82 -2.07
N TYR B 39 5.64 20.56 -3.07
CA TYR B 39 6.36 21.62 -3.75
C TYR B 39 5.44 22.34 -4.72
N ARG B 40 5.50 23.67 -4.71
CA ARG B 40 4.76 24.51 -5.64
C ARG B 40 5.70 25.51 -6.29
N THR B 41 5.46 25.79 -7.56
CA THR B 41 6.31 26.73 -8.30
C THR B 41 6.05 28.16 -7.83
N ASP B 42 6.73 29.11 -8.48
CA ASP B 42 6.54 30.51 -8.19
C ASP B 42 5.15 31.02 -8.59
N ASP B 43 4.38 30.22 -9.33
CA ASP B 43 3.03 30.57 -9.73
C ASP B 43 1.97 29.77 -8.97
N CYS B 44 2.34 29.22 -7.81
CA CYS B 44 1.42 28.45 -6.96
C CYS B 44 0.84 27.25 -7.70
N HIS B 45 1.68 26.59 -8.51
CA HIS B 45 1.25 25.45 -9.30
C HIS B 45 2.17 24.26 -9.03
N PRO B 46 1.62 23.04 -9.06
CA PRO B 46 2.47 21.85 -8.95
C PRO B 46 3.41 21.74 -10.15
N TRP B 47 4.51 21.00 -9.95
CA TRP B 47 5.54 20.87 -10.97
C TRP B 47 5.85 19.40 -11.18
N VAL B 48 5.44 18.85 -12.32
CA VAL B 48 5.86 17.52 -12.73
C VAL B 48 7.26 17.62 -13.33
N LEU B 49 8.18 16.83 -12.80
CA LEU B 49 9.57 16.91 -13.23
C LEU B 49 9.68 16.54 -14.70
N PRO B 50 10.40 17.32 -15.51
CA PRO B 50 10.54 16.96 -16.93
C PRO B 50 11.20 15.62 -17.15
N VAL B 51 12.10 15.20 -16.25
CA VAL B 51 12.67 13.86 -16.36
C VAL B 51 11.60 12.80 -16.15
N VAL B 52 10.62 13.07 -15.29
CA VAL B 52 9.55 12.11 -15.03
C VAL B 52 8.64 11.99 -16.25
N LYS B 53 8.31 13.11 -16.87
CA LYS B 53 7.45 13.08 -18.06
C LYS B 53 8.13 12.35 -19.22
N LYS B 54 9.45 12.53 -19.36
CA LYS B 54 10.17 11.85 -20.43
C LYS B 54 10.24 10.35 -20.17
N VAL B 55 10.55 9.96 -18.93
CA VAL B 55 10.63 8.54 -18.61
C VAL B 55 9.26 7.87 -18.75
N GLU B 56 8.20 8.57 -18.33
CA GLU B 56 6.86 8.01 -18.47
C GLU B 56 6.49 7.78 -19.92
N GLN B 57 6.99 8.61 -20.84
CA GLN B 57 6.71 8.41 -22.25
C GLN B 57 7.33 7.11 -22.76
N LYS B 58 8.56 6.81 -22.33
CA LYS B 58 9.23 5.60 -22.79
C LYS B 58 8.59 4.35 -22.18
N ILE B 59 8.14 4.44 -20.93
CA ILE B 59 7.45 3.31 -20.30
C ILE B 59 6.13 3.04 -21.02
N ALA B 60 5.42 4.10 -21.40
CA ALA B 60 4.18 3.92 -22.15
C ALA B 60 4.44 3.33 -23.52
N ASN B 61 5.62 3.58 -24.09
CA ASN B 61 5.98 3.09 -25.42
C ASN B 61 6.81 1.82 -25.37
N ASP B 62 6.93 1.18 -24.20
CA ASP B 62 7.76 -0.01 -24.04
C ASP B 62 6.85 -1.23 -23.95
N ASN B 63 6.79 -2.00 -25.04
CA ASN B 63 6.02 -3.23 -25.07
C ASN B 63 6.74 -4.39 -24.39
N SER B 64 7.99 -4.19 -23.95
CA SER B 64 8.68 -5.19 -23.15
C SER B 64 8.07 -5.36 -21.77
N LEU B 65 7.15 -4.48 -21.36
CA LEU B 65 6.61 -4.48 -20.02
C LEU B 65 5.22 -5.12 -20.00
N ASN B 66 5.03 -6.07 -19.09
CA ASN B 66 3.71 -6.60 -18.78
C ASN B 66 3.27 -6.06 -17.42
N HIS B 67 2.16 -6.59 -16.91
CA HIS B 67 1.62 -6.15 -15.64
C HIS B 67 1.48 -7.30 -14.65
N GLU B 68 2.42 -8.24 -14.69
CA GLU B 68 2.41 -9.34 -13.74
C GLU B 68 2.96 -8.89 -12.40
N TYR B 69 2.66 -9.66 -11.36
CA TYR B 69 3.06 -9.32 -10.00
C TYR B 69 4.56 -9.10 -9.90
N LEU B 70 4.93 -7.98 -9.27
CA LEU B 70 6.31 -7.79 -8.87
C LEU B 70 6.63 -8.74 -7.73
N PRO B 71 7.92 -8.98 -7.45
CA PRO B 71 8.28 -9.72 -6.24
C PRO B 71 7.72 -9.05 -4.99
N ILE B 72 7.57 -9.84 -3.93
CA ILE B 72 7.02 -9.32 -2.68
C ILE B 72 7.87 -8.15 -2.18
N LEU B 73 9.19 -8.30 -2.22
CA LEU B 73 10.07 -7.23 -1.78
C LEU B 73 10.11 -6.07 -2.77
N GLY B 74 9.64 -6.26 -3.99
CA GLY B 74 9.49 -5.20 -4.95
C GLY B 74 10.40 -5.37 -6.16
N LEU B 75 10.42 -4.33 -6.99
CA LEU B 75 11.24 -4.32 -8.19
C LEU B 75 12.71 -4.32 -7.81
N ALA B 76 13.46 -5.30 -8.33
CA ALA B 76 14.85 -5.48 -7.92
C ALA B 76 15.70 -4.27 -8.31
N GLU B 77 15.60 -3.83 -9.56
CA GLU B 77 16.44 -2.74 -10.01
C GLU B 77 16.14 -1.45 -9.27
N PHE B 78 14.90 -1.25 -8.84
CA PHE B 78 14.58 -0.07 -8.03
C PHE B 78 15.15 -0.20 -6.62
N ARG B 79 15.11 -1.42 -6.07
CA ARG B 79 15.59 -1.62 -4.70
C ARG B 79 17.09 -1.37 -4.59
N SER B 80 17.87 -1.90 -5.54
CA SER B 80 19.31 -1.72 -5.49
C SER B 80 19.71 -0.28 -5.77
N CYS B 81 19.00 0.38 -6.70
CA CYS B 81 19.33 1.76 -7.04
C CYS B 81 18.95 2.72 -5.92
N ALA B 82 17.81 2.48 -5.25
CA ALA B 82 17.38 3.35 -4.17
C ALA B 82 18.35 3.30 -3.01
N SER B 83 18.81 2.10 -2.65
CA SER B 83 19.74 1.97 -1.52
C SER B 83 21.15 2.44 -1.90
N ARG B 84 21.54 2.29 -3.16
CA ARG B 84 22.81 2.84 -3.61
C ARG B 84 22.76 4.36 -3.64
N LEU B 85 21.58 4.94 -3.84
CA LEU B 85 21.44 6.39 -3.80
C LEU B 85 21.66 6.92 -2.38
N ALA B 86 21.14 6.21 -1.38
CA ALA B 86 21.27 6.66 0.00
C ALA B 86 22.63 6.30 0.58
N LEU B 87 23.16 5.13 0.25
CA LEU B 87 24.41 4.67 0.83
C LEU B 87 25.63 5.00 -0.02
N GLY B 88 25.45 5.31 -1.30
CA GLY B 88 26.59 5.62 -2.14
C GLY B 88 27.12 4.40 -2.87
N ASP B 89 27.62 4.63 -4.09
CA ASP B 89 28.16 3.54 -4.89
C ASP B 89 29.39 2.91 -4.24
N ASP B 90 30.13 3.69 -3.46
CA ASP B 90 31.35 3.22 -2.81
C ASP B 90 31.09 2.72 -1.39
N SER B 91 29.84 2.47 -1.03
CA SER B 91 29.52 2.08 0.34
C SER B 91 30.16 0.74 0.67
N PRO B 92 30.89 0.63 1.78
CA PRO B 92 31.44 -0.68 2.17
C PRO B 92 30.36 -1.69 2.51
N ALA B 93 29.19 -1.24 2.95
CA ALA B 93 28.11 -2.18 3.27
C ALA B 93 27.56 -2.84 2.01
N LEU B 94 27.68 -2.19 0.86
CA LEU B 94 27.26 -2.80 -0.39
C LEU B 94 28.31 -3.78 -0.91
N LYS B 95 29.59 -3.42 -0.80
CA LYS B 95 30.65 -4.34 -1.19
C LYS B 95 30.59 -5.63 -0.38
N GLU B 96 30.25 -5.51 0.90
CA GLU B 96 30.10 -6.66 1.77
C GLU B 96 28.72 -7.30 1.67
N LYS B 97 27.82 -6.72 0.85
CA LYS B 97 26.52 -7.32 0.53
C LYS B 97 25.65 -7.51 1.77
N ARG B 98 25.80 -6.63 2.76
CA ARG B 98 24.98 -6.67 3.97
C ARG B 98 23.90 -5.60 3.95
N VAL B 99 23.27 -5.40 2.80
CA VAL B 99 22.25 -4.37 2.61
C VAL B 99 21.02 -5.02 1.99
N GLY B 100 19.85 -4.62 2.46
CA GLY B 100 18.60 -5.08 1.89
C GLY B 100 17.66 -3.91 1.64
N GLY B 101 16.80 -4.09 0.64
CA GLY B 101 15.85 -3.05 0.28
C GLY B 101 14.46 -3.58 0.01
N VAL B 102 13.48 -3.08 0.77
CA VAL B 102 12.08 -3.46 0.59
C VAL B 102 11.37 -2.28 -0.07
N GLN B 103 10.84 -2.51 -1.27
CA GLN B 103 10.06 -1.48 -1.93
C GLN B 103 8.81 -1.16 -1.13
N SER B 104 8.61 0.12 -0.86
CA SER B 104 7.53 0.56 0.01
C SER B 104 6.60 1.50 -0.74
N LEU B 105 5.50 1.86 -0.09
CA LEU B 105 4.54 2.81 -0.63
C LEU B 105 4.87 4.17 -0.02
N GLY B 106 5.88 4.82 -0.60
CA GLY B 106 6.40 6.03 -0.02
C GLY B 106 7.15 5.74 1.27
N GLY B 107 7.53 6.83 1.95
CA GLY B 107 8.18 6.68 3.24
C GLY B 107 7.25 6.14 4.31
N THR B 108 5.96 6.48 4.24
CA THR B 108 5.00 6.00 5.23
C THR B 108 4.94 4.47 5.24
N GLY B 109 4.92 3.85 4.06
CA GLY B 109 4.93 2.40 4.01
C GLY B 109 6.20 1.81 4.58
N ALA B 110 7.34 2.44 4.29
CA ALA B 110 8.61 1.94 4.82
C ALA B 110 8.67 2.08 6.33
N LEU B 111 8.09 3.16 6.88
CA LEU B 111 8.03 3.32 8.32
C LEU B 111 7.10 2.28 8.95
N ARG B 112 5.97 2.00 8.30
CA ARG B 112 5.04 1.00 8.81
C ARG B 112 5.64 -0.40 8.72
N ILE B 113 6.26 -0.74 7.59
CA ILE B 113 6.85 -2.05 7.43
C ILE B 113 8.00 -2.25 8.43
N GLY B 114 8.83 -1.22 8.60
CA GLY B 114 9.92 -1.33 9.56
C GLY B 114 9.43 -1.43 10.99
N ALA B 115 8.45 -0.61 11.36
CA ALA B 115 7.91 -0.66 12.71
C ALA B 115 7.23 -1.99 12.98
N ASP B 116 6.53 -2.54 11.99
CA ASP B 116 5.89 -3.85 12.15
C ASP B 116 6.94 -4.93 12.38
N PHE B 117 8.07 -4.85 11.68
CA PHE B 117 9.14 -5.82 11.89
C PHE B 117 9.75 -5.66 13.27
N LEU B 118 10.04 -4.42 13.67
CA LEU B 118 10.65 -4.19 14.98
C LEU B 118 9.75 -4.64 16.11
N ALA B 119 8.44 -4.41 15.98
CA ALA B 119 7.48 -4.83 17.00
C ALA B 119 7.27 -6.33 17.03
N ARG B 120 7.96 -7.10 16.19
CA ARG B 120 7.81 -8.54 16.13
C ARG B 120 9.12 -9.29 16.35
N TRP B 121 10.24 -8.80 15.80
CA TRP B 121 11.49 -9.53 15.84
C TRP B 121 12.64 -8.82 16.56
N TYR B 122 12.46 -7.58 16.99
CA TYR B 122 13.54 -6.80 17.58
C TYR B 122 13.37 -6.71 19.09
N ASN B 123 14.50 -6.83 19.80
CA ASN B 123 14.54 -6.69 21.27
C ASN B 123 13.63 -7.71 21.95
N GLY B 124 13.62 -8.94 21.44
CA GLY B 124 12.77 -9.99 21.95
C GLY B 124 11.69 -10.37 20.95
N THR B 125 10.79 -11.23 21.42
CA THR B 125 9.69 -11.75 20.59
C THR B 125 8.42 -10.97 20.90
N ASN B 126 7.96 -10.19 19.92
CA ASN B 126 6.76 -9.37 20.06
C ASN B 126 6.89 -8.38 21.23
N ASN B 127 8.06 -7.76 21.34
CA ASN B 127 8.32 -6.79 22.41
C ASN B 127 7.73 -5.45 21.98
N LYS B 128 6.50 -5.20 22.43
CA LYS B 128 5.85 -3.91 22.20
C LYS B 128 6.24 -2.87 23.24
N ASN B 129 7.12 -3.22 24.19
CA ASN B 129 7.50 -2.32 25.25
C ASN B 129 8.74 -1.49 24.93
N THR B 130 9.40 -1.77 23.81
CA THR B 130 10.61 -1.02 23.43
C THR B 130 10.26 0.45 23.23
N PRO B 131 10.92 1.37 23.94
CA PRO B 131 10.63 2.79 23.74
C PRO B 131 11.00 3.23 22.33
N VAL B 132 10.21 4.18 21.81
CA VAL B 132 10.44 4.78 20.50
C VAL B 132 10.43 6.28 20.68
N TYR B 133 11.50 6.94 20.22
CA TYR B 133 11.72 8.35 20.46
C TYR B 133 11.51 9.17 19.19
N VAL B 134 10.86 10.33 19.35
CA VAL B 134 10.60 11.26 18.25
C VAL B 134 11.03 12.65 18.71
N SER B 135 11.13 13.57 17.75
CA SER B 135 11.72 14.88 17.99
C SER B 135 10.72 15.84 18.65
N SER B 136 11.15 17.09 18.85
CA SER B 136 10.40 18.10 19.60
C SER B 136 9.00 18.26 19.01
N PRO B 137 8.83 18.82 17.79
CA PRO B 137 7.70 18.36 16.98
C PRO B 137 8.22 17.52 15.83
N THR B 138 7.79 16.27 15.75
CA THR B 138 8.22 15.41 14.66
C THR B 138 7.19 15.47 13.55
N TRP B 139 7.38 14.65 12.52
CA TRP B 139 6.33 14.43 11.54
C TRP B 139 5.07 13.97 12.28
N GLU B 140 3.93 14.58 11.93
CA GLU B 140 2.69 14.39 12.68
C GLU B 140 2.29 12.93 12.81
N ASN B 141 2.78 12.06 11.92
CA ASN B 141 2.37 10.67 11.87
C ASN B 141 3.47 9.69 12.26
N HIS B 142 4.63 10.18 12.70
CA HIS B 142 5.62 9.29 13.29
C HIS B 142 5.04 8.59 14.52
N ASN B 143 4.38 9.35 15.39
N ASN B 143 4.38 9.35 15.39
CA ASN B 143 3.75 8.76 16.57
CA ASN B 143 3.75 8.76 16.57
C ASN B 143 2.65 7.80 16.18
C ASN B 143 2.65 7.80 16.18
N ALA B 144 1.84 8.16 15.17
CA ALA B 144 0.70 7.32 14.81
C ALA B 144 1.14 6.01 14.15
N VAL B 145 2.20 6.06 13.34
CA VAL B 145 2.63 4.85 12.65
C VAL B 145 3.17 3.82 13.63
N PHE B 146 4.08 4.23 14.52
CA PHE B 146 4.62 3.31 15.50
C PHE B 146 3.57 2.89 16.52
N SER B 147 2.60 3.76 16.80
CA SER B 147 1.48 3.34 17.65
C SER B 147 0.64 2.27 16.98
N ALA B 148 0.54 2.29 15.65
CA ALA B 148 -0.23 1.30 14.94
C ALA B 148 0.48 -0.04 14.88
N ALA B 149 1.81 -0.05 14.95
CA ALA B 149 2.57 -1.28 14.95
C ALA B 149 2.54 -2.00 16.29
N GLY B 150 1.93 -1.39 17.31
CA GLY B 150 1.79 -2.01 18.62
C GLY B 150 2.65 -1.43 19.71
N PHE B 151 3.52 -0.46 19.40
CA PHE B 151 4.40 0.11 20.41
C PHE B 151 3.59 0.94 21.41
N LYS B 152 3.71 0.61 22.70
CA LYS B 152 2.91 1.22 23.74
C LYS B 152 3.64 2.27 24.55
N ASP B 153 4.88 2.61 24.18
CA ASP B 153 5.69 3.58 24.92
C ASP B 153 6.44 4.45 23.91
N ILE B 154 5.76 5.47 23.40
CA ILE B 154 6.34 6.40 22.43
C ILE B 154 6.75 7.66 23.16
N ARG B 155 8.05 7.93 23.18
CA ARG B 155 8.61 9.06 23.90
C ARG B 155 9.12 10.13 22.93
N SER B 156 9.49 11.27 23.49
CA SER B 156 9.98 12.40 22.73
C SER B 156 11.36 12.81 23.22
N TYR B 157 12.16 13.38 22.33
CA TYR B 157 13.44 13.95 22.69
C TYR B 157 13.51 15.39 22.22
N ARG B 158 14.18 16.22 23.02
CA ARG B 158 14.33 17.64 22.70
C ARG B 158 15.13 17.80 21.41
N TYR B 159 14.68 18.71 20.55
CA TYR B 159 15.30 18.91 19.25
C TYR B 159 15.37 20.39 18.89
N TRP B 160 14.23 21.06 18.86
CA TRP B 160 14.15 22.45 18.45
C TRP B 160 14.01 23.36 19.67
N ASP B 161 14.92 24.31 19.80
CA ASP B 161 14.89 25.28 20.88
C ASP B 161 14.25 26.57 20.39
N ALA B 162 13.14 26.97 21.03
CA ALA B 162 12.37 28.10 20.53
C ALA B 162 13.08 29.42 20.79
N GLU B 163 13.91 29.50 21.83
CA GLU B 163 14.51 30.79 22.17
C GLU B 163 15.76 31.06 21.33
N LYS B 164 16.63 30.04 21.16
CA LYS B 164 17.74 30.16 20.22
C LYS B 164 17.31 30.00 18.77
N ARG B 165 16.10 29.48 18.52
CA ARG B 165 15.62 29.21 17.16
C ARG B 165 16.59 28.31 16.41
N GLY B 166 16.83 27.14 16.98
CA GLY B 166 17.74 26.19 16.39
C GLY B 166 17.72 24.87 17.10
N LEU B 167 18.78 24.09 16.88
CA LEU B 167 18.87 22.75 17.43
C LEU B 167 19.25 22.80 18.91
N ASP B 168 18.54 22.04 19.74
CA ASP B 168 18.84 21.89 21.16
C ASP B 168 19.66 20.61 21.31
N LEU B 169 20.98 20.74 21.16
CA LEU B 169 21.84 19.56 21.15
C LEU B 169 21.98 18.97 22.55
N GLN B 170 22.07 19.81 23.58
CA GLN B 170 22.19 19.30 24.94
C GLN B 170 20.92 18.59 25.39
N GLY B 171 19.76 19.13 25.02
CA GLY B 171 18.51 18.43 25.29
C GLY B 171 18.36 17.15 24.49
N PHE B 172 18.89 17.14 23.27
CA PHE B 172 18.89 15.92 22.45
C PHE B 172 19.78 14.85 23.08
N LEU B 173 21.04 15.18 23.34
CA LEU B 173 21.99 14.19 23.83
C LEU B 173 21.63 13.67 25.22
N ASN B 174 21.06 14.52 26.07
CA ASN B 174 20.71 14.07 27.42
C ASN B 174 19.44 13.21 27.40
N ASP B 175 18.50 13.49 26.49
CA ASP B 175 17.37 12.60 26.31
C ASP B 175 17.79 11.25 25.72
N LEU B 176 18.93 11.20 25.03
CA LEU B 176 19.41 9.95 24.45
C LEU B 176 20.13 9.09 25.49
N GLU B 177 21.07 9.68 26.24
CA GLU B 177 21.78 8.91 27.25
C GLU B 177 20.86 8.53 28.42
N ASN B 178 19.67 9.11 28.52
CA ASN B 178 18.67 8.69 29.49
C ASN B 178 17.66 7.71 28.91
N ALA B 179 17.80 7.34 27.64
CA ALA B 179 16.89 6.37 27.05
C ALA B 179 17.33 4.95 27.43
N PRO B 180 16.38 4.04 27.66
CA PRO B 180 16.77 2.65 27.97
C PRO B 180 17.54 2.04 26.80
N GLU B 181 18.45 1.13 27.13
CA GLU B 181 19.23 0.48 26.11
C GLU B 181 18.32 -0.26 25.13
N PHE B 182 18.77 -0.33 23.87
CA PHE B 182 18.05 -0.97 22.77
C PHE B 182 16.76 -0.24 22.41
N SER B 183 16.63 1.03 22.79
CA SER B 183 15.48 1.82 22.37
C SER B 183 15.63 2.23 20.91
N ILE B 184 14.49 2.47 20.27
CA ILE B 184 14.44 2.85 18.85
C ILE B 184 14.34 4.36 18.77
N VAL B 185 15.20 4.96 17.95
CA VAL B 185 15.26 6.42 17.79
C VAL B 185 14.92 6.76 16.35
N VAL B 186 13.81 7.46 16.16
CA VAL B 186 13.42 7.95 14.85
C VAL B 186 14.25 9.18 14.52
N LEU B 187 15.06 9.10 13.48
CA LEU B 187 15.99 10.17 13.12
C LEU B 187 15.67 10.70 11.74
N HIS B 188 15.55 12.02 11.63
CA HIS B 188 15.43 12.69 10.34
C HIS B 188 16.81 12.72 9.68
N ALA B 189 16.94 12.01 8.57
CA ALA B 189 18.24 11.95 7.89
C ALA B 189 18.68 13.34 7.41
N CYS B 190 17.73 14.14 6.94
CA CYS B 190 17.95 15.48 6.43
C CYS B 190 16.60 16.11 6.13
N ALA B 191 16.56 17.44 6.18
CA ALA B 191 15.32 18.22 6.00
C ALA B 191 14.29 17.83 7.06
N HIS B 192 14.56 18.30 8.29
CA HIS B 192 13.73 17.95 9.43
C HIS B 192 12.32 18.47 9.25
N ASN B 193 11.36 17.55 9.26
CA ASN B 193 9.94 17.90 9.22
C ASN B 193 9.43 17.99 10.66
N PRO B 194 8.89 19.14 11.09
CA PRO B 194 8.68 20.36 10.32
C PRO B 194 9.61 21.54 10.62
N THR B 195 10.68 21.33 11.39
CA THR B 195 11.51 22.46 11.80
C THR B 195 12.40 22.97 10.68
N GLY B 196 12.96 22.06 9.88
CA GLY B 196 13.88 22.43 8.82
C GLY B 196 15.33 22.55 9.26
N ILE B 197 15.59 22.62 10.56
CA ILE B 197 16.95 22.71 11.08
C ILE B 197 17.51 21.30 11.25
N ASP B 198 18.74 21.10 10.80
CA ASP B 198 19.39 19.81 10.84
C ASP B 198 20.65 19.86 11.69
N PRO B 199 21.05 18.75 12.29
CA PRO B 199 22.33 18.72 13.02
C PRO B 199 23.50 18.78 12.05
N THR B 200 24.56 19.48 12.47
CA THR B 200 25.78 19.51 11.69
C THR B 200 26.50 18.17 11.80
N PRO B 201 27.43 17.88 10.89
CA PRO B 201 28.21 16.64 11.01
C PRO B 201 28.89 16.46 12.35
N GLU B 202 29.47 17.53 12.91
CA GLU B 202 30.07 17.43 14.23
C GLU B 202 29.04 17.22 15.32
N GLN B 203 27.78 17.59 15.08
CA GLN B 203 26.71 17.28 16.02
C GLN B 203 26.18 15.88 15.83
N TRP B 204 26.15 15.38 14.59
CA TRP B 204 25.73 14.00 14.35
C TRP B 204 26.68 13.02 15.02
N LYS B 205 27.99 13.32 15.00
CA LYS B 205 28.96 12.43 15.62
C LYS B 205 28.72 12.30 17.12
N GLN B 206 28.26 13.38 17.76
CA GLN B 206 27.90 13.31 19.17
C GLN B 206 26.62 12.49 19.36
N ILE B 207 25.63 12.70 18.48
CA ILE B 207 24.39 11.94 18.55
C ILE B 207 24.65 10.46 18.31
N ALA B 208 25.56 10.15 17.38
CA ALA B 208 25.86 8.75 17.07
C ALA B 208 26.64 8.08 18.21
N SER B 209 27.52 8.83 18.87
CA SER B 209 28.33 8.25 19.93
C SER B 209 27.47 7.78 21.10
N VAL B 210 26.43 8.54 21.43
CA VAL B 210 25.53 8.14 22.52
C VAL B 210 24.77 6.88 22.13
N MET B 211 24.21 6.85 20.92
CA MET B 211 23.44 5.70 20.48
C MET B 211 24.30 4.45 20.32
N LYS B 212 25.61 4.61 20.13
CA LYS B 212 26.47 3.45 19.93
C LYS B 212 26.68 2.69 21.23
N HIS B 213 27.16 3.38 22.27
CA HIS B 213 27.45 2.70 23.53
C HIS B 213 26.19 2.43 24.37
N ARG B 214 25.02 2.89 23.91
CA ARG B 214 23.76 2.54 24.54
C ARG B 214 22.91 1.62 23.67
N PHE B 215 23.40 1.22 22.51
CA PHE B 215 22.73 0.26 21.63
C PHE B 215 21.36 0.76 21.17
N LEU B 216 21.24 2.08 20.96
CA LEU B 216 19.98 2.65 20.49
C LEU B 216 19.83 2.39 18.99
N PHE B 217 18.69 1.79 18.62
CA PHE B 217 18.47 1.43 17.22
C PHE B 217 18.08 2.65 16.41
N PRO B 218 18.84 3.01 15.37
CA PRO B 218 18.47 4.16 14.54
C PRO B 218 17.45 3.76 13.49
N PHE B 219 16.41 4.57 13.34
CA PHE B 219 15.42 4.41 12.28
C PHE B 219 15.40 5.71 11.49
N PHE B 220 16.18 5.75 10.41
CA PHE B 220 16.31 6.97 9.62
C PHE B 220 15.06 7.20 8.79
N ASP B 221 14.67 8.47 8.68
CA ASP B 221 13.58 8.91 7.83
C ASP B 221 14.19 9.82 6.76
N SER B 222 14.45 9.26 5.58
CA SER B 222 15.08 9.98 4.48
C SER B 222 14.01 10.28 3.44
N ALA B 223 13.30 11.38 3.65
CA ALA B 223 12.16 11.75 2.81
C ALA B 223 12.45 12.89 1.85
N TYR B 224 13.66 13.46 1.88
CA TYR B 224 13.97 14.61 1.04
C TYR B 224 15.42 14.58 0.55
N GLN B 225 15.97 13.39 0.29
CA GLN B 225 17.34 13.30 -0.18
C GLN B 225 17.48 13.97 -1.55
N GLY B 226 18.41 14.92 -1.64
CA GLY B 226 18.58 15.69 -2.85
C GLY B 226 17.64 16.88 -2.92
N PHE B 227 16.37 16.65 -2.56
CA PHE B 227 15.37 17.72 -2.62
C PHE B 227 15.71 18.87 -1.68
N ALA B 228 16.33 18.57 -0.55
CA ALA B 228 16.57 19.59 0.48
C ALA B 228 17.62 20.62 0.05
N SER B 229 18.89 20.20 0.00
CA SER B 229 19.98 21.12 -0.29
C SER B 229 20.45 21.07 -1.73
N GLY B 230 19.97 20.12 -2.53
CA GLY B 230 20.41 19.97 -3.89
C GLY B 230 21.62 19.10 -4.09
N ASN B 231 22.19 18.55 -3.02
CA ASN B 231 23.35 17.68 -3.09
C ASN B 231 22.97 16.32 -2.54
N LEU B 232 23.15 15.28 -3.36
CA LEU B 232 22.82 13.92 -2.92
C LEU B 232 23.79 13.41 -1.86
N GLU B 233 25.04 13.87 -1.91
CA GLU B 233 26.05 13.39 -0.96
C GLU B 233 25.88 14.05 0.40
N ARG B 234 25.63 15.36 0.43
CA ARG B 234 25.50 16.06 1.70
C ARG B 234 24.21 15.70 2.42
N ASP B 235 23.13 15.47 1.66
CA ASP B 235 21.85 15.11 2.26
C ASP B 235 21.87 13.70 2.85
N ALA B 236 22.81 12.87 2.43
CA ALA B 236 22.91 11.49 2.93
C ALA B 236 24.14 11.28 3.81
N TRP B 237 24.72 12.37 4.33
CA TRP B 237 25.94 12.23 5.12
C TRP B 237 25.68 11.51 6.44
N ALA B 238 24.59 11.87 7.12
CA ALA B 238 24.31 11.25 8.41
C ALA B 238 24.07 9.75 8.26
N ILE B 239 23.33 9.35 7.23
CA ILE B 239 23.11 7.93 6.98
C ILE B 239 24.44 7.22 6.76
N ARG B 240 25.29 7.78 5.89
CA ARG B 240 26.54 7.12 5.55
C ARG B 240 27.54 7.15 6.70
N TYR B 241 27.44 8.15 7.58
CA TYR B 241 28.30 8.16 8.76
C TYR B 241 27.96 7.01 9.69
N PHE B 242 26.66 6.75 9.91
CA PHE B 242 26.26 5.61 10.71
C PHE B 242 26.70 4.29 10.07
N VAL B 243 26.81 4.27 8.74
CA VAL B 243 27.31 3.07 8.07
C VAL B 243 28.77 2.84 8.41
N SER B 244 29.59 3.89 8.34
CA SER B 244 31.01 3.74 8.64
C SER B 244 31.25 3.42 10.10
N GLU B 245 30.33 3.81 10.99
CA GLU B 245 30.45 3.52 12.41
C GLU B 245 29.99 2.12 12.77
N GLY B 246 29.58 1.31 11.80
CA GLY B 246 29.16 -0.05 12.08
C GLY B 246 27.76 -0.17 12.65
N PHE B 247 26.92 0.84 12.48
CA PHE B 247 25.56 0.79 13.00
C PHE B 247 24.71 -0.18 12.19
N GLU B 248 23.73 -0.77 12.87
CA GLU B 248 22.63 -1.49 12.23
C GLU B 248 21.38 -0.64 12.33
N PHE B 249 20.69 -0.44 11.21
CA PHE B 249 19.59 0.50 11.20
C PHE B 249 18.67 0.23 10.03
N PHE B 250 17.44 0.74 10.16
CA PHE B 250 16.51 0.87 9.04
C PHE B 250 16.53 2.30 8.54
N CYS B 251 16.20 2.48 7.27
CA CYS B 251 16.17 3.81 6.67
C CYS B 251 14.98 3.88 5.72
N ALA B 252 13.98 4.67 6.08
CA ALA B 252 12.78 4.81 5.27
C ALA B 252 13.02 5.87 4.20
N GLN B 253 13.22 5.43 2.97
CA GLN B 253 13.45 6.34 1.85
C GLN B 253 12.13 6.70 1.19
N SER B 254 12.00 7.97 0.82
CA SER B 254 10.85 8.46 0.09
C SER B 254 11.31 9.15 -1.20
N PHE B 255 10.57 8.92 -2.27
CA PHE B 255 10.85 9.56 -3.56
C PHE B 255 9.70 10.46 -4.01
N SER B 256 8.86 10.89 -3.08
CA SER B 256 7.73 11.75 -3.42
C SER B 256 8.14 13.19 -3.69
N LYS B 257 9.32 13.61 -3.24
CA LYS B 257 9.75 15.00 -3.39
C LYS B 257 10.90 15.17 -4.37
N ASN B 258 11.99 14.41 -4.20
CA ASN B 258 13.10 14.51 -5.13
C ASN B 258 12.71 14.05 -6.53
N PHE B 259 11.62 13.27 -6.66
CA PHE B 259 11.07 12.89 -7.94
C PHE B 259 9.72 13.52 -8.22
N GLY B 260 9.07 14.09 -7.21
CA GLY B 260 7.75 14.64 -7.40
C GLY B 260 6.65 13.64 -7.64
N LEU B 261 6.91 12.35 -7.35
CA LEU B 261 5.94 11.29 -7.61
C LEU B 261 5.13 10.98 -6.36
N TYR B 262 4.45 12.01 -5.85
CA TYR B 262 3.64 11.85 -4.64
C TYR B 262 2.56 10.79 -4.84
N ASN B 263 1.84 10.86 -5.96
CA ASN B 263 0.67 10.01 -6.18
C ASN B 263 1.02 8.62 -6.69
N GLU B 264 2.30 8.28 -6.82
CA GLU B 264 2.70 6.94 -7.23
C GLU B 264 3.33 6.12 -6.11
N ARG B 265 3.56 6.74 -4.94
CA ARG B 265 3.91 6.03 -3.70
C ARG B 265 5.18 5.19 -3.87
N VAL B 266 6.27 5.88 -4.13
CA VAL B 266 7.57 5.26 -4.37
C VAL B 266 8.40 5.41 -3.10
N GLY B 267 8.68 4.30 -2.42
CA GLY B 267 9.50 4.32 -1.24
C GLY B 267 10.35 3.07 -1.16
N ASN B 268 11.37 3.14 -0.31
CA ASN B 268 12.27 2.02 -0.09
C ASN B 268 12.68 1.99 1.37
N LEU B 269 12.64 0.80 1.97
CA LEU B 269 13.12 0.58 3.33
C LEU B 269 14.48 -0.10 3.24
N THR B 270 15.54 0.70 3.41
CA THR B 270 16.89 0.17 3.38
C THR B 270 17.25 -0.40 4.75
N VAL B 271 17.84 -1.60 4.76
CA VAL B 271 18.28 -2.27 5.98
C VAL B 271 19.79 -2.47 5.88
N VAL B 272 20.51 -2.11 6.95
CA VAL B 272 21.95 -2.29 7.04
C VAL B 272 22.24 -3.20 8.22
N GLY B 273 22.97 -4.30 7.96
CA GLY B 273 23.19 -5.32 8.96
C GLY B 273 24.66 -5.64 9.11
N LYS B 274 24.99 -6.31 10.22
CA LYS B 274 26.36 -6.75 10.44
C LYS B 274 26.78 -7.80 9.42
N GLU B 275 25.88 -8.73 9.10
CA GLU B 275 26.19 -9.89 8.28
C GLU B 275 25.30 -9.93 7.04
N PRO B 276 25.80 -10.48 5.93
CA PRO B 276 24.92 -10.69 4.78
C PRO B 276 23.80 -11.68 5.05
N GLU B 277 24.03 -12.65 5.94
CA GLU B 277 22.99 -13.62 6.28
C GLU B 277 21.87 -12.98 7.10
N SER B 278 22.20 -11.99 7.93
CA SER B 278 21.17 -11.32 8.72
C SER B 278 20.18 -10.57 7.84
N ILE B 279 20.63 -10.10 6.68
CA ILE B 279 19.74 -9.36 5.79
C ILE B 279 18.71 -10.30 5.16
N LEU B 280 19.16 -11.45 4.67
CA LEU B 280 18.24 -12.42 4.07
C LEU B 280 17.23 -12.92 5.09
N GLN B 281 17.59 -12.91 6.38
CA GLN B 281 16.63 -13.25 7.42
C GLN B 281 15.63 -12.12 7.64
N VAL B 282 16.10 -10.86 7.57
CA VAL B 282 15.20 -9.73 7.74
C VAL B 282 14.27 -9.63 6.55
N LEU B 283 14.82 -9.68 5.33
CA LEU B 283 14.00 -9.68 4.13
C LEU B 283 13.06 -10.88 4.10
N SER B 284 13.44 -11.99 4.73
CA SER B 284 12.55 -13.15 4.79
C SER B 284 11.26 -12.82 5.51
N GLN B 285 11.35 -12.08 6.61
CA GLN B 285 10.18 -11.74 7.40
C GLN B 285 9.48 -10.47 6.92
N MET B 286 10.20 -9.59 6.20
CA MET B 286 9.55 -8.46 5.56
C MET B 286 8.52 -8.91 4.55
N GLU B 287 8.76 -10.04 3.88
CA GLU B 287 7.81 -10.56 2.91
C GLU B 287 6.49 -10.95 3.59
N LYS B 288 6.57 -11.55 4.77
CA LYS B 288 5.35 -11.95 5.48
C LYS B 288 4.53 -10.74 5.89
N ILE B 289 5.18 -9.66 6.30
CA ILE B 289 4.46 -8.46 6.69
C ILE B 289 3.87 -7.78 5.47
N VAL B 290 4.65 -7.69 4.39
CA VAL B 290 4.13 -7.11 3.14
C VAL B 290 2.91 -7.89 2.68
N ARG B 291 3.04 -9.21 2.56
CA ARG B 291 1.99 -10.11 2.09
C ARG B 291 0.62 -9.79 2.68
N ILE B 292 0.58 -9.40 3.96
CA ILE B 292 -0.69 -9.15 4.65
C ILE B 292 -1.05 -7.67 4.70
N THR B 293 -0.21 -6.80 4.17
CA THR B 293 -0.51 -5.37 4.14
C THR B 293 -0.95 -4.98 2.73
N TRP B 294 0.02 -4.68 1.87
CA TRP B 294 -0.17 -4.70 0.43
C TRP B 294 0.58 -5.92 -0.08
N SER B 295 -0.11 -6.76 -0.86
CA SER B 295 0.47 -8.06 -1.20
C SER B 295 1.80 -7.88 -1.94
N ASN B 296 1.89 -6.90 -2.83
CA ASN B 296 3.12 -6.54 -3.51
C ASN B 296 3.01 -5.08 -3.93
N PRO B 297 4.12 -4.41 -4.19
CA PRO B 297 4.08 -2.96 -4.43
C PRO B 297 3.71 -2.64 -5.88
N PRO B 298 3.24 -1.43 -6.14
CA PRO B 298 2.97 -1.01 -7.53
C PRO B 298 4.26 -0.83 -8.31
N ALA B 299 4.12 -0.83 -9.63
CA ALA B 299 5.26 -0.84 -10.53
C ALA B 299 5.54 0.48 -11.22
N GLN B 300 4.52 1.29 -11.49
CA GLN B 300 4.69 2.47 -12.35
C GLN B 300 5.69 3.45 -11.75
N GLY B 301 5.50 3.81 -10.48
CA GLY B 301 6.38 4.78 -9.86
C GLY B 301 7.80 4.26 -9.69
N ALA B 302 7.93 2.99 -9.27
CA ALA B 302 9.26 2.42 -9.09
C ALA B 302 9.98 2.27 -10.41
N ARG B 303 9.25 1.99 -11.50
CA ARG B 303 9.88 1.92 -12.82
C ARG B 303 10.43 3.28 -13.24
N ILE B 304 9.76 4.37 -12.86
CA ILE B 304 10.23 5.70 -13.22
C ILE B 304 11.56 5.99 -12.52
N VAL B 305 11.69 5.58 -11.25
CA VAL B 305 12.89 5.90 -10.49
C VAL B 305 14.06 5.02 -10.94
N ALA B 306 13.81 3.71 -11.10
CA ALA B 306 14.87 2.80 -11.48
C ALA B 306 15.44 3.16 -12.85
N SER B 307 14.58 3.52 -13.80
CA SER B 307 15.07 3.96 -15.10
C SER B 307 15.88 5.25 -14.98
N THR B 308 15.44 6.16 -14.10
CA THR B 308 16.13 7.44 -13.97
C THR B 308 17.50 7.27 -13.32
N LEU B 309 17.59 6.46 -12.27
CA LEU B 309 18.85 6.33 -11.53
C LEU B 309 19.86 5.47 -12.26
N SER B 310 19.41 4.46 -13.01
CA SER B 310 20.32 3.53 -13.67
C SER B 310 20.76 4.00 -15.05
N ASN B 311 20.19 5.08 -15.56
CA ASN B 311 20.58 5.62 -16.86
C ASN B 311 21.37 6.90 -16.66
N PRO B 312 22.63 6.96 -17.09
CA PRO B 312 23.44 8.14 -16.79
C PRO B 312 22.92 9.43 -17.41
N GLU B 313 22.32 9.36 -18.60
CA GLU B 313 21.80 10.57 -19.23
C GLU B 313 20.58 11.10 -18.50
N LEU B 314 19.65 10.22 -18.11
CA LEU B 314 18.48 10.65 -17.37
C LEU B 314 18.81 10.98 -15.91
N PHE B 315 19.89 10.42 -15.37
CA PHE B 315 20.30 10.79 -14.02
C PHE B 315 20.82 12.22 -13.98
N GLU B 316 21.51 12.65 -15.03
CA GLU B 316 21.99 14.03 -15.09
C GLU B 316 20.84 15.01 -15.20
N GLU B 317 19.85 14.71 -16.05
CA GLU B 317 18.69 15.58 -16.19
C GLU B 317 17.87 15.63 -14.91
N TRP B 318 17.79 14.53 -14.17
CA TRP B 318 17.03 14.52 -12.93
C TRP B 318 17.65 15.44 -11.90
N THR B 319 18.97 15.38 -11.73
CA THR B 319 19.65 16.28 -10.80
C THR B 319 19.46 17.74 -11.20
N GLY B 320 19.28 18.01 -12.50
CA GLY B 320 18.97 19.36 -12.92
C GLY B 320 17.58 19.79 -12.49
N ASN B 321 16.62 18.87 -12.51
CA ASN B 321 15.28 19.20 -12.02
C ASN B 321 15.25 19.30 -10.50
N VAL B 322 16.14 18.57 -9.82
CA VAL B 322 16.18 18.62 -8.37
C VAL B 322 16.79 19.94 -7.89
N LYS B 323 17.88 20.36 -8.51
CA LYS B 323 18.50 21.64 -8.16
C LYS B 323 17.57 22.80 -8.47
N THR B 324 16.65 22.62 -9.43
CA THR B 324 15.66 23.66 -9.71
C THR B 324 14.77 23.91 -8.49
N MET B 325 14.27 22.82 -7.90
CA MET B 325 13.41 22.96 -6.73
C MET B 325 14.18 23.37 -5.49
N ALA B 326 15.44 22.94 -5.37
CA ALA B 326 16.23 23.29 -4.20
C ALA B 326 16.71 24.74 -4.24
N ASP B 327 17.13 25.21 -5.41
CA ASP B 327 17.60 26.59 -5.52
C ASP B 327 16.47 27.59 -5.32
N ARG B 328 15.28 27.30 -5.87
CA ARG B 328 14.14 28.17 -5.63
C ARG B 328 13.79 28.20 -4.14
N ILE B 329 13.84 27.04 -3.48
CA ILE B 329 13.62 27.00 -2.03
C ILE B 329 14.70 27.80 -1.32
N LEU B 330 15.96 27.68 -1.77
CA LEU B 330 17.03 28.47 -1.19
C LEU B 330 16.79 29.96 -1.43
N THR B 331 16.34 30.33 -2.62
CA THR B 331 16.12 31.74 -2.93
C THR B 331 15.00 32.31 -2.07
N MET B 332 13.89 31.58 -1.95
CA MET B 332 12.78 32.07 -1.14
C MET B 332 13.17 32.22 0.33
N ARG B 333 14.07 31.36 0.82
CA ARG B 333 14.52 31.47 2.21
C ARG B 333 15.35 32.74 2.41
N SER B 334 16.28 33.01 1.49
CA SER B 334 17.12 34.19 1.64
C SER B 334 16.36 35.48 1.37
N GLU B 335 15.42 35.45 0.42
CA GLU B 335 14.63 36.64 0.13
C GLU B 335 13.77 37.05 1.33
N LEU B 336 13.22 36.07 2.04
CA LEU B 336 12.41 36.38 3.21
C LEU B 336 13.26 36.91 4.35
N ARG B 337 14.44 36.33 4.56
CA ARG B 337 15.33 36.82 5.62
C ARG B 337 15.83 38.23 5.31
N ALA B 338 16.16 38.49 4.05
CA ALA B 338 16.61 39.82 3.67
C ALA B 338 15.51 40.86 3.85
N ARG B 339 14.27 40.49 3.52
CA ARG B 339 13.15 41.40 3.69
C ARG B 339 12.85 41.65 5.17
N LEU B 340 12.92 40.59 5.99
CA LEU B 340 12.60 40.75 7.41
C LEU B 340 13.66 41.59 8.12
N GLU B 341 14.93 41.44 7.73
CA GLU B 341 15.98 42.24 8.35
C GLU B 341 15.99 43.67 7.83
N ALA B 342 15.53 43.89 6.59
CA ALA B 342 15.46 45.24 6.06
C ALA B 342 14.43 46.08 6.79
N LEU B 343 13.29 45.47 7.14
CA LEU B 343 12.26 46.16 7.91
C LEU B 343 12.60 46.29 9.39
N LYS B 344 13.77 45.82 9.80
CA LYS B 344 14.23 45.86 11.20
C LYS B 344 13.25 45.11 12.11
N THR B 345 13.03 43.84 11.76
CA THR B 345 12.19 42.99 12.59
C THR B 345 12.96 42.51 13.80
N PRO B 346 12.39 42.61 15.01
CA PRO B 346 13.14 42.21 16.21
C PRO B 346 13.46 40.72 16.20
N GLY B 347 14.59 40.39 16.83
CA GLY B 347 15.02 39.01 16.96
C GLY B 347 15.96 38.58 15.85
N THR B 348 16.55 37.41 16.05
CA THR B 348 17.45 36.83 15.06
C THR B 348 16.64 36.16 13.95
N TRP B 349 17.17 36.22 12.73
CA TRP B 349 16.50 35.60 11.59
C TRP B 349 17.46 34.83 10.69
N ASN B 350 18.66 34.50 11.18
CA ASN B 350 19.57 33.68 10.40
C ASN B 350 19.11 32.23 10.31
N HIS B 351 18.19 31.81 11.17
CA HIS B 351 17.64 30.46 11.08
C HIS B 351 16.81 30.26 9.82
N ILE B 352 16.30 31.34 9.22
CA ILE B 352 15.58 31.23 7.96
C ILE B 352 16.48 30.68 6.87
N THR B 353 17.78 30.99 6.93
CA THR B 353 18.75 30.45 5.98
C THR B 353 19.59 29.33 6.55
N ASP B 354 19.67 29.20 7.89
CA ASP B 354 20.35 28.05 8.46
C ASP B 354 19.59 26.76 8.22
N GLN B 355 18.26 26.82 8.28
CA GLN B 355 17.44 25.68 7.92
C GLN B 355 17.52 25.43 6.42
N ILE B 356 17.12 24.23 6.01
CA ILE B 356 17.11 23.86 4.61
C ILE B 356 15.76 23.25 4.28
N GLY B 357 15.62 22.73 3.05
CA GLY B 357 14.41 22.01 2.70
C GLY B 357 13.18 22.90 2.57
N MET B 358 12.06 22.22 2.33
CA MET B 358 10.81 22.90 1.98
C MET B 358 10.12 23.53 3.18
N PHE B 359 10.22 22.92 4.35
CA PHE B 359 9.51 23.39 5.52
C PHE B 359 10.46 24.13 6.46
N SER B 360 9.93 25.16 7.12
CA SER B 360 10.73 26.02 7.97
C SER B 360 9.95 26.37 9.24
N PHE B 361 10.64 26.30 10.37
CA PHE B 361 10.08 26.78 11.63
C PHE B 361 10.39 28.28 11.74
N THR B 362 9.36 29.11 11.56
CA THR B 362 9.55 30.55 11.57
C THR B 362 9.90 31.09 12.95
N GLY B 363 9.52 30.38 14.01
CA GLY B 363 9.88 30.78 15.35
C GLY B 363 8.89 31.65 16.07
N LEU B 364 7.69 31.83 15.53
CA LEU B 364 6.68 32.66 16.17
C LEU B 364 5.81 31.84 17.10
N ASN B 365 5.27 32.50 18.12
CA ASN B 365 4.40 31.87 19.10
C ASN B 365 3.03 31.65 18.48
N PRO B 366 2.17 30.84 19.12
CA PRO B 366 0.85 30.55 18.52
C PRO B 366 0.00 31.79 18.25
N LYS B 367 0.02 32.78 19.14
CA LYS B 367 -0.85 33.95 18.94
C LYS B 367 -0.28 34.96 17.95
N GLN B 368 1.03 34.90 17.67
CA GLN B 368 1.54 35.64 16.53
C GLN B 368 1.12 35.00 15.22
N VAL B 369 0.90 33.68 15.22
CA VAL B 369 0.39 32.99 14.04
C VAL B 369 -1.06 33.40 13.79
N GLU B 370 -1.87 33.48 14.85
CA GLU B 370 -3.27 33.86 14.70
C GLU B 370 -3.41 35.24 14.07
N TYR B 371 -2.50 36.16 14.39
CA TYR B 371 -2.50 37.45 13.71
C TYR B 371 -2.27 37.28 12.21
N LEU B 372 -1.33 36.42 11.83
CA LEU B 372 -1.07 36.18 10.42
C LEU B 372 -2.24 35.49 9.73
N VAL B 373 -2.97 34.66 10.46
CA VAL B 373 -4.08 33.90 9.90
C VAL B 373 -5.37 34.73 9.88
N ASN B 374 -5.69 35.39 10.99
CA ASN B 374 -6.96 36.10 11.10
C ASN B 374 -6.89 37.52 10.57
N GLU B 375 -5.81 38.24 10.85
CA GLU B 375 -5.71 39.64 10.45
C GLU B 375 -5.13 39.79 9.05
N LYS B 376 -4.04 39.08 8.75
CA LYS B 376 -3.37 39.20 7.47
C LYS B 376 -3.74 38.08 6.49
N HIS B 377 -4.49 37.08 6.93
CA HIS B 377 -4.98 35.99 6.07
C HIS B 377 -3.84 35.21 5.45
N ILE B 378 -2.76 35.03 6.20
CA ILE B 378 -1.65 34.17 5.80
C ILE B 378 -1.78 32.89 6.61
N TYR B 379 -2.05 31.78 5.93
CA TYR B 379 -2.41 30.54 6.60
C TYR B 379 -1.17 29.70 6.88
N LEU B 380 -0.90 29.46 8.17
CA LEU B 380 0.15 28.58 8.61
C LEU B 380 -0.30 27.93 9.91
N LEU B 381 0.35 26.83 10.27
CA LEU B 381 -0.04 26.10 11.46
C LEU B 381 0.36 26.87 12.72
N PRO B 382 -0.38 26.67 13.82
CA PRO B 382 0.05 27.29 15.10
C PRO B 382 1.42 26.84 15.55
N SER B 383 1.93 25.73 15.00
CA SER B 383 3.30 25.31 15.26
C SER B 383 4.31 26.37 14.83
N GLY B 384 3.94 27.25 13.91
CA GLY B 384 4.85 28.23 13.37
C GLY B 384 5.56 27.79 12.10
N ARG B 385 5.16 26.67 11.51
CA ARG B 385 5.84 26.16 10.32
C ARG B 385 5.15 26.64 9.05
N ILE B 386 5.97 27.02 8.07
CA ILE B 386 5.50 27.40 6.75
C ILE B 386 6.10 26.45 5.73
N ASN B 387 5.52 26.44 4.55
CA ASN B 387 6.07 25.75 3.38
C ASN B 387 6.78 26.79 2.54
N VAL B 388 8.11 26.71 2.49
CA VAL B 388 8.90 27.73 1.80
C VAL B 388 8.56 27.78 0.31
N SER B 389 8.18 26.64 -0.27
CA SER B 389 7.73 26.65 -1.66
C SER B 389 6.43 27.41 -1.84
N GLY B 390 5.69 27.65 -0.76
CA GLY B 390 4.51 28.50 -0.83
C GLY B 390 4.81 29.98 -0.96
N LEU B 391 6.07 30.37 -0.81
CA LEU B 391 6.48 31.76 -1.00
C LEU B 391 6.78 32.01 -2.47
N THR B 392 6.34 33.17 -2.96
CA THR B 392 6.54 33.57 -4.34
C THR B 392 7.18 34.95 -4.37
N THR B 393 7.66 35.35 -5.55
CA THR B 393 8.14 36.71 -5.73
C THR B 393 7.03 37.73 -5.60
N LYS B 394 5.77 37.30 -5.72
CA LYS B 394 4.63 38.20 -5.62
C LYS B 394 4.15 38.39 -4.18
N ASN B 395 4.23 37.36 -3.35
CA ASN B 395 3.75 37.44 -1.98
C ASN B 395 4.84 37.68 -0.95
N LEU B 396 6.12 37.68 -1.36
CA LEU B 396 7.20 37.80 -0.39
C LEU B 396 7.15 39.15 0.33
N ASP B 397 6.77 40.21 -0.38
CA ASP B 397 6.68 41.52 0.26
C ASP B 397 5.54 41.55 1.28
N TYR B 398 4.41 40.93 0.96
CA TYR B 398 3.27 40.96 1.87
C TYR B 398 3.49 40.04 3.06
N VAL B 399 4.12 38.88 2.84
CA VAL B 399 4.36 37.94 3.94
C VAL B 399 5.40 38.50 4.90
N ALA B 400 6.50 39.03 4.37
CA ALA B 400 7.56 39.55 5.23
C ALA B 400 7.08 40.73 6.06
N THR B 401 6.29 41.63 5.47
CA THR B 401 5.75 42.74 6.23
C THR B 401 4.77 42.26 7.30
N SER B 402 3.99 41.22 7.00
CA SER B 402 3.02 40.70 7.96
C SER B 402 3.73 40.05 9.15
N ILE B 403 4.76 39.24 8.87
CA ILE B 403 5.54 38.64 9.94
C ILE B 403 6.20 39.73 10.79
N HIS B 404 6.70 40.78 10.13
CA HIS B 404 7.20 41.94 10.87
C HIS B 404 6.12 42.53 11.76
N GLU B 405 4.93 42.73 11.20
CA GLU B 405 3.82 43.27 12.00
C GLU B 405 3.43 42.33 13.13
N ALA B 406 3.47 41.02 12.88
CA ALA B 406 3.10 40.06 13.92
C ALA B 406 4.05 40.11 15.11
N VAL B 407 5.32 40.44 14.86
CA VAL B 407 6.30 40.52 15.94
C VAL B 407 6.37 41.92 16.54
N THR B 408 6.02 42.96 15.78
CA THR B 408 5.86 44.29 16.36
C THR B 408 4.86 44.24 17.51
N LYS B 409 3.62 43.89 17.20
CA LYS B 409 2.59 43.69 18.23
C LYS B 409 2.81 42.35 18.91
N ILE B 410 1.88 41.95 19.78
CA ILE B 410 1.89 40.64 20.42
C ILE B 410 3.17 40.40 21.19
C10 EE6 C . -0.58 -12.56 -5.28
C15 EE6 C . -2.88 -15.41 -5.24
C17 EE6 C . -4.68 -17.08 -5.10
C20 EE6 C . -7.93 -11.27 -3.30
C21 EE6 C . -7.67 -12.09 -4.37
C22 EE6 C . -8.18 -13.35 -4.48
C24 EE6 C . -9.29 -13.01 -2.40
C28 EE6 C . -6.70 -13.80 -6.64
C01 EE6 C . -5.10 -10.64 -3.95
C02 EE6 C . -6.15 -9.73 -3.97
C03 EE6 C . -4.09 -10.14 -4.79
C05 EE6 C . -4.58 -8.92 -5.27
C07 EE6 C . -2.81 -10.95 -4.97
C08 EE6 C . -2.94 -12.26 -5.41
C09 EE6 C . -1.83 -13.07 -5.56
C11 EE6 C . -0.44 -11.26 -4.83
C12 EE6 C . -1.55 -10.45 -4.67
C14 EE6 C . -1.98 -14.50 -6.07
C16 EE6 C . -3.76 -16.14 -5.87
C18 EE6 C . -3.87 -16.06 -7.39
C19 EE6 C . -7.29 -9.88 -3.30
C23 EE6 C . -9.01 -13.82 -3.49
C25 EE6 C . -8.77 -11.73 -2.30
C27 EE6 C . -7.85 -14.18 -5.70
C29 EE6 C . -6.43 -12.69 -7.34
C30 EE6 C . -5.18 -12.68 -8.20
C31 EE6 C . -7.27 -11.40 -7.33
O04 EE6 C . -5.78 -8.74 -4.75
O06 EE6 C . -5.02 -11.85 -3.28
O13 EE6 C . 0.55 -13.39 -5.45
O26 EE6 C . -9.55 -15.10 -3.57
O32 EE6 C . -4.03 -8.17 -6.00
N1 PLP D . 8.62 11.26 6.71
C2 PLP D . 8.74 12.63 6.57
C2A PLP D . 9.62 13.41 7.50
C3 PLP D . 8.03 13.30 5.57
O3 PLP D . 8.15 14.65 5.42
C4 PLP D . 7.22 12.59 4.69
C4A PLP D . 6.87 13.30 3.41
O4A PLP D . 7.63 13.22 2.45
C5 PLP D . 7.10 11.20 4.84
C6 PLP D . 7.80 10.56 5.85
C5A PLP D . 6.22 10.35 3.94
O4P PLP D . 6.51 10.46 2.57
P PLP D . 5.59 9.65 1.52
O1P PLP D . 5.17 8.35 2.14
O2P PLP D . 4.37 10.48 1.21
O3P PLP D . 6.38 9.39 0.26
#